data_2LJF
#
_entry.id   2LJF
#
_entity_poly.entity_id   1
_entity_poly.type   'polypeptide(L)'
_entity_poly.pdbx_seq_one_letter_code
;GSSHHHHHHSSGLVPRGSHMKLLITIHDRKEFAKFEEERARAKWDTANNPL(PTR)KEATSTFTNITYRGT
;
_entity_poly.pdbx_strand_id   A
#
# COMPACT_ATOMS: atom_id res chain seq x y z
N LYS A 21 10.03 -0.16 -10.08
CA LYS A 21 10.71 1.07 -9.71
C LYS A 21 11.23 0.98 -8.28
N LEU A 22 10.35 0.66 -7.37
CA LEU A 22 10.70 0.54 -6.00
C LEU A 22 11.17 -0.87 -5.65
N LEU A 23 10.23 -1.82 -5.56
CA LEU A 23 10.58 -3.17 -5.16
C LEU A 23 10.10 -4.21 -6.16
N ILE A 24 8.81 -4.27 -6.38
CA ILE A 24 8.23 -5.37 -7.15
C ILE A 24 7.79 -4.90 -8.55
N THR A 25 7.42 -3.64 -8.63
CA THR A 25 6.97 -3.01 -9.89
C THR A 25 5.55 -3.52 -10.32
N ILE A 26 4.81 -4.09 -9.37
CA ILE A 26 3.47 -4.59 -9.65
C ILE A 26 2.45 -4.14 -8.61
N HIS A 27 2.65 -4.53 -7.38
CA HIS A 27 1.70 -4.19 -6.32
C HIS A 27 2.04 -2.87 -5.75
N ASP A 28 3.21 -2.39 -6.14
CA ASP A 28 3.73 -1.08 -5.76
C ASP A 28 2.76 0.02 -6.17
N ARG A 29 1.84 -0.34 -7.00
CA ARG A 29 0.81 0.53 -7.48
C ARG A 29 -0.60 -0.09 -7.26
N LYS A 30 -0.69 -1.39 -7.34
CA LYS A 30 -2.00 -2.05 -7.47
C LYS A 30 -2.78 -2.04 -6.18
N GLU A 31 -2.10 -1.93 -5.08
CA GLU A 31 -2.78 -1.88 -3.79
C GLU A 31 -3.35 -0.53 -3.51
N PHE A 32 -3.11 0.34 -4.42
CA PHE A 32 -3.72 1.65 -4.41
C PHE A 32 -4.87 1.69 -5.40
N ALA A 33 -5.21 0.55 -5.91
CA ALA A 33 -6.30 0.42 -6.84
C ALA A 33 -7.45 -0.35 -6.20
N LYS A 34 -7.15 -1.52 -5.67
CA LYS A 34 -8.15 -2.34 -4.99
C LYS A 34 -8.03 -2.20 -3.51
N PHE A 35 -6.81 -1.90 -3.06
CA PHE A 35 -6.50 -1.70 -1.64
C PHE A 35 -6.74 -2.97 -0.85
N GLU A 36 -6.68 -4.07 -1.51
CA GLU A 36 -6.96 -5.34 -0.88
C GLU A 36 -5.77 -6.27 -0.91
N GLU A 37 -4.77 -5.86 -1.60
CA GLU A 37 -3.56 -6.64 -1.70
C GLU A 37 -2.51 -6.25 -0.63
N GLU A 38 -1.66 -5.24 -0.94
CA GLU A 38 -0.59 -4.78 -0.04
C GLU A 38 0.43 -5.85 0.26
N ARG A 39 1.42 -5.89 -0.55
CA ARG A 39 2.55 -6.79 -0.34
C ARG A 39 3.41 -6.28 0.77
N ALA A 40 3.83 -5.06 0.62
CA ALA A 40 4.62 -4.43 1.63
C ALA A 40 3.76 -3.44 2.39
N ARG A 41 2.44 -3.50 2.15
CA ARG A 41 1.46 -2.68 2.81
C ARG A 41 1.64 -1.22 2.49
N ALA A 42 1.35 -0.86 1.23
CA ALA A 42 1.48 0.52 0.69
C ALA A 42 2.93 0.93 0.55
N LYS A 43 3.69 0.64 1.59
CA LYS A 43 5.18 0.85 1.72
C LYS A 43 5.75 1.97 0.84
N TRP A 44 5.93 1.65 -0.41
CA TRP A 44 6.47 2.55 -1.41
C TRP A 44 5.57 3.77 -1.54
N ASP A 45 4.27 3.50 -1.77
CA ASP A 45 3.18 4.55 -1.79
C ASP A 45 3.48 5.68 -2.80
N THR A 46 4.32 5.39 -3.77
CA THR A 46 4.76 6.39 -4.74
C THR A 46 3.65 6.79 -5.70
N ALA A 47 2.56 6.10 -5.61
CA ALA A 47 1.40 6.36 -6.41
C ALA A 47 0.57 7.48 -5.78
N ASN A 48 0.98 7.91 -4.61
CA ASN A 48 0.23 8.89 -3.88
C ASN A 48 1.13 10.04 -3.48
N ASN A 49 2.02 9.79 -2.57
CA ASN A 49 2.96 10.80 -2.08
C ASN A 49 4.44 10.28 -2.28
N PRO A 50 5.53 11.04 -1.79
CA PRO A 50 6.92 10.65 -2.06
C PRO A 50 7.26 9.32 -1.40
N LEU A 51 7.08 9.26 -0.12
CA LEU A 51 7.26 8.04 0.60
C LEU A 51 5.96 7.59 1.22
N PTR A 52 5.62 8.16 2.37
CA PTR A 52 4.36 7.82 3.07
C PTR A 52 4.15 8.71 4.26
O PTR A 52 3.45 8.37 5.20
CB PTR A 52 4.31 6.35 3.46
CG PTR A 52 5.46 5.87 4.33
CD1 PTR A 52 5.29 5.63 5.70
CD2 PTR A 52 6.70 5.62 3.78
CE1 PTR A 52 6.32 5.18 6.47
CE2 PTR A 52 7.74 5.18 4.55
CZ PTR A 52 7.55 4.95 5.89
OH PTR A 52 8.61 4.48 6.66
P PTR A 52 9.31 3.12 6.43
O1P PTR A 52 10.51 3.34 5.51
O2P PTR A 52 9.88 2.66 7.80
O3P PTR A 52 8.25 2.29 5.91
H PTR A 52 6.23 8.82 2.75
HA PTR A 52 3.56 8.03 2.38
HB2 PTR A 52 3.37 6.23 3.99
HB3 PTR A 52 4.28 5.78 2.55
HD1 PTR A 52 4.31 5.81 6.14
HD2 PTR A 52 6.85 5.79 2.73
HE1 PTR A 52 6.18 5.00 7.53
HE2 PTR A 52 8.70 4.99 4.09
N LYS A 53 4.71 9.88 4.19
CA LYS A 53 4.66 10.84 5.27
C LYS A 53 3.34 11.61 5.26
N GLU A 54 2.73 11.71 4.09
CA GLU A 54 1.53 12.49 3.93
C GLU A 54 0.29 11.65 4.23
N ALA A 55 -0.06 10.76 3.33
CA ALA A 55 -1.22 9.91 3.52
C ALA A 55 -1.05 8.59 2.81
N THR A 56 -0.55 7.60 3.51
CA THR A 56 -0.38 6.27 2.97
C THR A 56 -1.68 5.46 3.17
N SER A 57 -1.79 4.32 2.51
CA SER A 57 -3.04 3.56 2.53
C SER A 57 -2.81 2.14 2.96
N THR A 58 -3.36 1.76 4.05
CA THR A 58 -3.20 0.44 4.58
C THR A 58 -4.46 -0.02 5.29
N PHE A 59 -4.93 -1.17 4.92
CA PHE A 59 -6.06 -1.79 5.60
C PHE A 59 -5.56 -2.82 6.58
N THR A 60 -4.39 -3.31 6.32
CA THR A 60 -3.78 -4.45 7.03
C THR A 60 -3.59 -4.20 8.57
N ASN A 61 -3.76 -2.99 8.98
CA ASN A 61 -3.58 -2.60 10.37
C ASN A 61 -4.85 -2.79 11.16
N ILE A 62 -5.96 -2.68 10.49
CA ILE A 62 -7.24 -2.87 11.12
C ILE A 62 -7.98 -4.07 10.54
N THR A 63 -7.61 -4.44 9.34
CA THR A 63 -8.10 -5.64 8.76
C THR A 63 -7.07 -6.73 8.90
N TYR A 64 -7.02 -7.26 10.05
CA TYR A 64 -6.06 -8.28 10.41
C TYR A 64 -6.60 -9.66 10.08
N ARG A 65 -7.69 -10.03 10.73
CA ARG A 65 -8.32 -11.30 10.46
C ARG A 65 -9.82 -11.12 10.21
N GLY A 66 -10.37 -10.07 10.78
CA GLY A 66 -11.77 -9.80 10.63
C GLY A 66 -12.43 -9.63 11.97
N THR A 67 -11.90 -8.74 12.75
CA THR A 67 -12.38 -8.52 14.06
C THR A 67 -12.95 -7.09 14.18
N LYS A 21 11.58 -1.03 -9.75
CA LYS A 21 11.52 0.39 -9.44
C LYS A 21 11.32 0.61 -7.94
N LEU A 22 10.34 -0.02 -7.37
CA LEU A 22 10.07 0.09 -5.99
C LEU A 22 10.70 -1.10 -5.24
N LEU A 23 9.99 -2.22 -5.22
CA LEU A 23 10.53 -3.49 -4.71
C LEU A 23 10.09 -4.61 -5.61
N ILE A 24 8.83 -4.63 -5.94
CA ILE A 24 8.29 -5.65 -6.80
C ILE A 24 7.87 -5.05 -8.13
N THR A 25 7.44 -3.81 -8.07
CA THR A 25 7.02 -3.05 -9.24
C THR A 25 5.82 -3.75 -9.96
N ILE A 26 4.96 -4.37 -9.16
CA ILE A 26 3.80 -5.07 -9.70
C ILE A 26 2.54 -4.70 -8.97
N HIS A 27 2.61 -4.66 -7.68
CA HIS A 27 1.45 -4.27 -6.88
C HIS A 27 1.75 -3.01 -6.17
N ASP A 28 2.95 -2.58 -6.35
CA ASP A 28 3.50 -1.42 -5.71
C ASP A 28 2.72 -0.17 -6.06
N ARG A 29 2.09 -0.18 -7.20
CA ARG A 29 1.25 0.87 -7.62
C ARG A 29 -0.23 0.42 -7.61
N LYS A 30 -0.44 -0.90 -7.57
CA LYS A 30 -1.78 -1.45 -7.82
C LYS A 30 -2.60 -1.53 -6.57
N GLU A 31 -1.95 -1.46 -5.44
CA GLU A 31 -2.66 -1.45 -4.18
C GLU A 31 -3.27 -0.12 -3.91
N PHE A 32 -2.97 0.79 -4.75
CA PHE A 32 -3.60 2.10 -4.72
C PHE A 32 -4.74 2.14 -5.73
N ALA A 33 -5.10 1.01 -6.22
CA ALA A 33 -6.19 0.88 -7.16
C ALA A 33 -7.33 0.07 -6.54
N LYS A 34 -6.98 -1.03 -5.90
CA LYS A 34 -7.98 -1.89 -5.25
C LYS A 34 -7.95 -1.69 -3.75
N PHE A 35 -6.74 -1.32 -3.23
CA PHE A 35 -6.52 -1.00 -1.80
C PHE A 35 -6.73 -2.19 -0.91
N GLU A 36 -6.70 -3.35 -1.49
CA GLU A 36 -6.95 -4.57 -0.76
C GLU A 36 -5.77 -5.50 -0.77
N GLU A 37 -4.84 -5.25 -1.63
CA GLU A 37 -3.66 -6.07 -1.74
C GLU A 37 -2.57 -5.65 -0.74
N GLU A 38 -1.76 -4.63 -1.11
CA GLU A 38 -0.70 -4.12 -0.26
C GLU A 38 0.29 -5.18 0.13
N ARG A 39 1.21 -5.37 -0.71
CA ARG A 39 2.26 -6.35 -0.51
C ARG A 39 3.23 -5.85 0.52
N ALA A 40 3.53 -4.58 0.45
CA ALA A 40 4.38 -3.95 1.42
C ALA A 40 3.62 -2.84 2.12
N ARG A 41 2.31 -2.78 1.84
CA ARG A 41 1.39 -1.85 2.47
C ARG A 41 1.80 -0.40 2.24
N ALA A 42 1.61 0.10 0.99
CA ALA A 42 1.89 1.51 0.61
C ALA A 42 3.32 1.93 1.00
N LYS A 43 4.17 0.95 1.13
CA LYS A 43 5.57 1.12 1.54
C LYS A 43 6.31 2.11 0.65
N TRP A 44 6.42 1.75 -0.60
CA TRP A 44 7.09 2.56 -1.59
C TRP A 44 6.29 3.78 -1.93
N ASP A 45 4.99 3.56 -2.15
CA ASP A 45 4.06 4.60 -2.64
C ASP A 45 4.43 5.02 -4.05
N THR A 46 3.56 4.73 -4.97
CA THR A 46 3.80 5.01 -6.33
C THR A 46 2.60 5.75 -6.94
N ALA A 47 1.81 6.41 -6.10
CA ALA A 47 0.58 7.07 -6.58
C ALA A 47 0.11 8.21 -5.67
N ASN A 48 0.53 8.18 -4.44
CA ASN A 48 0.02 9.10 -3.46
C ASN A 48 0.97 10.28 -3.31
N ASN A 49 2.07 10.05 -2.64
CA ASN A 49 3.08 11.06 -2.44
C ASN A 49 4.51 10.45 -2.79
N PRO A 50 5.66 11.18 -2.57
CA PRO A 50 7.00 10.69 -2.94
C PRO A 50 7.40 9.43 -2.17
N LEU A 51 7.49 9.57 -0.87
CA LEU A 51 7.78 8.49 0.00
C LEU A 51 6.53 8.06 0.72
N PTR A 52 6.17 8.80 1.79
CA PTR A 52 4.98 8.60 2.56
C PTR A 52 4.95 9.50 3.79
O PTR A 52 5.51 9.18 4.81
CB PTR A 52 4.74 7.11 2.94
CG PTR A 52 5.83 6.45 3.81
CD1 PTR A 52 7.02 6.00 3.24
CD2 PTR A 52 5.66 6.27 5.18
CE1 PTR A 52 7.99 5.40 4.00
CE2 PTR A 52 6.63 5.67 5.96
CZ PTR A 52 7.80 5.24 5.35
OH PTR A 52 8.78 4.63 6.12
P PTR A 52 9.04 3.10 6.12
O1P PTR A 52 7.81 2.39 5.56
O2P PTR A 52 9.17 2.66 7.59
O3P PTR A 52 10.25 3.00 5.33
H PTR A 52 6.75 9.53 2.08
HA PTR A 52 4.15 8.92 1.92
HB2 PTR A 52 3.79 7.10 3.43
HB3 PTR A 52 4.63 6.56 2.01
HD1 PTR A 52 7.18 6.14 2.18
HD2 PTR A 52 4.74 6.61 5.64
HE1 PTR A 52 8.90 5.07 3.55
HE2 PTR A 52 6.48 5.55 7.01
N LYS A 53 4.36 10.66 3.65
CA LYS A 53 4.25 11.58 4.76
C LYS A 53 2.83 12.09 4.93
N GLU A 54 2.10 12.19 3.83
CA GLU A 54 0.74 12.70 3.86
C GLU A 54 -0.24 11.59 3.57
N ALA A 55 0.18 10.64 2.77
CA ALA A 55 -0.64 9.55 2.40
C ALA A 55 0.13 8.26 2.52
N THR A 56 -0.35 7.40 3.36
CA THR A 56 0.17 6.06 3.51
C THR A 56 -0.99 5.14 3.86
N SER A 57 -0.98 3.93 3.36
CA SER A 57 -2.12 3.07 3.55
C SER A 57 -1.75 1.79 4.23
N THR A 58 -2.65 1.36 5.09
CA THR A 58 -2.62 0.07 5.71
C THR A 58 -4.01 -0.28 6.17
N PHE A 59 -4.39 -1.49 5.97
CA PHE A 59 -5.68 -1.95 6.41
C PHE A 59 -5.53 -3.04 7.45
N THR A 60 -4.38 -3.70 7.42
CA THR A 60 -4.10 -4.87 8.27
C THR A 60 -4.14 -4.54 9.76
N ASN A 61 -4.17 -3.28 10.06
CA ASN A 61 -4.34 -2.81 11.45
C ASN A 61 -5.62 -3.34 12.05
N ILE A 62 -6.66 -3.29 11.28
CA ILE A 62 -7.95 -3.80 11.71
C ILE A 62 -8.49 -4.89 10.79
N THR A 63 -7.83 -5.07 9.69
CA THR A 63 -8.13 -6.17 8.82
C THR A 63 -7.13 -7.29 9.07
N TYR A 64 -7.36 -8.00 10.10
CA TYR A 64 -6.47 -9.06 10.53
C TYR A 64 -7.08 -10.45 10.33
N ARG A 65 -8.17 -10.73 11.02
CA ARG A 65 -8.81 -12.03 10.93
C ARG A 65 -10.32 -11.91 10.80
N GLY A 66 -10.84 -10.78 11.16
CA GLY A 66 -12.25 -10.59 11.14
C GLY A 66 -12.88 -10.87 12.45
N THR A 67 -12.89 -9.88 13.30
CA THR A 67 -13.52 -10.00 14.60
C THR A 67 -15.00 -9.62 14.53
N LYS A 21 9.00 1.21 -10.82
CA LYS A 21 10.07 2.21 -10.73
C LYS A 21 10.60 2.32 -9.30
N LEU A 22 9.75 2.02 -8.33
CA LEU A 22 10.18 2.01 -6.97
C LEU A 22 10.90 0.70 -6.62
N LEU A 23 10.13 -0.40 -6.49
CA LEU A 23 10.72 -1.71 -6.14
C LEU A 23 10.11 -2.84 -6.98
N ILE A 24 8.83 -3.10 -6.76
CA ILE A 24 8.18 -4.25 -7.36
C ILE A 24 7.39 -3.90 -8.62
N THR A 25 6.67 -2.77 -8.59
CA THR A 25 5.81 -2.34 -9.72
C THR A 25 4.70 -3.41 -10.03
N ILE A 26 4.27 -4.15 -8.99
CA ILE A 26 3.28 -5.23 -9.18
C ILE A 26 2.19 -5.19 -8.12
N HIS A 27 2.52 -4.74 -6.94
CA HIS A 27 1.55 -4.62 -5.86
C HIS A 27 1.80 -3.39 -5.09
N ASP A 28 2.33 -2.46 -5.76
CA ASP A 28 2.70 -1.17 -5.21
C ASP A 28 1.66 -0.13 -5.56
N ARG A 29 0.89 -0.43 -6.54
CA ARG A 29 -0.20 0.36 -6.93
C ARG A 29 -1.48 -0.39 -6.62
N LYS A 30 -1.42 -1.70 -6.74
CA LYS A 30 -2.59 -2.55 -6.52
C LYS A 30 -3.02 -2.54 -5.08
N GLU A 31 -2.12 -2.13 -4.20
CA GLU A 31 -2.41 -2.03 -2.79
C GLU A 31 -3.45 -0.95 -2.55
N PHE A 32 -3.60 -0.08 -3.50
CA PHE A 32 -4.59 0.96 -3.44
C PHE A 32 -5.81 0.57 -4.25
N ALA A 33 -5.83 -0.64 -4.71
CA ALA A 33 -6.93 -1.15 -5.45
C ALA A 33 -7.80 -2.03 -4.57
N LYS A 34 -7.20 -3.07 -4.00
CA LYS A 34 -7.95 -3.98 -3.12
C LYS A 34 -7.58 -3.77 -1.67
N PHE A 35 -6.38 -3.20 -1.42
CA PHE A 35 -5.89 -2.92 -0.07
C PHE A 35 -5.75 -4.18 0.71
N GLU A 36 -5.28 -5.17 0.05
CA GLU A 36 -5.10 -6.46 0.65
C GLU A 36 -3.67 -6.96 0.47
N GLU A 37 -2.97 -6.39 -0.45
CA GLU A 37 -1.62 -6.79 -0.76
C GLU A 37 -0.57 -6.09 0.12
N GLU A 38 -0.01 -4.97 -0.40
CA GLU A 38 1.03 -4.21 0.29
C GLU A 38 2.20 -5.09 0.69
N ARG A 39 3.09 -5.27 -0.20
CA ARG A 39 4.31 -6.04 0.07
C ARG A 39 5.23 -5.27 1.02
N ALA A 40 5.44 -4.02 0.71
CA ALA A 40 6.21 -3.14 1.59
C ALA A 40 5.26 -2.21 2.32
N ARG A 41 3.96 -2.44 2.10
CA ARG A 41 2.89 -1.75 2.84
C ARG A 41 2.87 -0.25 2.56
N ALA A 42 2.37 0.11 1.38
CA ALA A 42 2.23 1.54 0.95
C ALA A 42 3.54 2.29 1.04
N LYS A 43 4.63 1.56 0.98
CA LYS A 43 5.97 2.14 1.12
C LYS A 43 6.29 3.06 -0.03
N TRP A 44 6.09 2.55 -1.22
CA TRP A 44 6.32 3.30 -2.39
C TRP A 44 5.22 4.27 -2.60
N ASP A 45 3.96 3.77 -2.44
CA ASP A 45 2.77 4.61 -2.60
C ASP A 45 2.75 5.14 -4.03
N THR A 46 3.12 4.27 -4.95
CA THR A 46 3.36 4.58 -6.36
C THR A 46 2.19 5.35 -7.03
N ALA A 47 1.02 5.27 -6.46
CA ALA A 47 -0.16 5.83 -7.07
C ALA A 47 -0.44 7.25 -6.61
N ASN A 48 0.12 7.66 -5.50
CA ASN A 48 -0.30 8.91 -4.90
C ASN A 48 0.85 9.88 -4.76
N ASN A 49 1.82 9.52 -3.96
CA ASN A 49 2.99 10.37 -3.74
C ASN A 49 4.31 9.52 -3.86
N PRO A 50 5.52 10.17 -3.79
CA PRO A 50 6.81 9.48 -4.07
C PRO A 50 7.16 8.44 -3.01
N LEU A 51 6.82 8.75 -1.79
CA LEU A 51 7.05 7.84 -0.71
C LEU A 51 5.93 7.94 0.30
N PTR A 52 6.04 8.93 1.17
CA PTR A 52 5.09 9.16 2.21
C PTR A 52 5.50 10.35 3.05
O PTR A 52 6.15 10.20 4.09
CB PTR A 52 4.81 7.90 3.09
CG PTR A 52 6.04 7.23 3.73
CD1 PTR A 52 6.28 7.31 5.09
CD2 PTR A 52 6.93 6.48 2.96
CE1 PTR A 52 7.37 6.68 5.67
CE2 PTR A 52 8.02 5.85 3.53
CZ PTR A 52 8.24 5.95 4.89
OH PTR A 52 9.35 5.32 5.48
P PTR A 52 10.16 4.13 4.84
O1P PTR A 52 9.21 3.24 4.05
O2P PTR A 52 11.17 4.72 3.85
O3P PTR A 52 10.75 3.52 6.02
H PTR A 52 6.78 9.55 1.11
HA PTR A 52 4.17 9.45 1.71
HB2 PTR A 52 4.14 8.25 3.86
HB3 PTR A 52 4.28 7.18 2.48
HD1 PTR A 52 5.60 7.88 5.71
HD2 PTR A 52 6.77 6.40 1.90
HE1 PTR A 52 7.54 6.77 6.74
HE2 PTR A 52 8.70 5.29 2.91
N LYS A 53 5.18 11.52 2.57
CA LYS A 53 5.51 12.77 3.25
C LYS A 53 4.81 12.87 4.61
N GLU A 54 3.65 12.28 4.72
CA GLU A 54 2.87 12.38 5.91
C GLU A 54 2.75 11.04 6.62
N ALA A 55 2.27 10.03 5.91
CA ALA A 55 2.06 8.73 6.49
C ALA A 55 1.79 7.72 5.42
N THR A 56 2.12 6.52 5.71
CA THR A 56 1.84 5.41 4.86
C THR A 56 0.43 4.85 5.15
N SER A 57 0.09 3.75 4.54
CA SER A 57 -1.21 3.12 4.75
C SER A 57 -1.06 1.75 5.40
N THR A 58 -1.98 1.42 6.29
CA THR A 58 -2.03 0.12 6.91
C THR A 58 -3.47 -0.32 7.06
N PHE A 59 -3.83 -1.38 6.41
CA PHE A 59 -5.18 -1.90 6.51
C PHE A 59 -5.28 -3.00 7.56
N THR A 60 -4.18 -3.75 7.73
CA THR A 60 -4.14 -4.98 8.56
C THR A 60 -4.80 -4.81 9.95
N ASN A 61 -4.68 -3.63 10.49
CA ASN A 61 -5.20 -3.30 11.82
C ASN A 61 -6.72 -3.49 11.93
N ILE A 62 -7.42 -3.16 10.89
CA ILE A 62 -8.87 -3.31 10.88
C ILE A 62 -9.37 -4.14 9.71
N THR A 63 -8.54 -4.38 8.79
CA THR A 63 -8.85 -5.25 7.72
C THR A 63 -8.17 -6.59 7.96
N TYR A 64 -8.81 -7.37 8.76
CA TYR A 64 -8.27 -8.64 9.21
C TYR A 64 -8.87 -9.82 8.45
N ARG A 65 -10.15 -10.07 8.62
CA ARG A 65 -10.83 -11.18 7.96
C ARG A 65 -12.10 -10.71 7.25
N GLY A 66 -12.73 -9.71 7.81
CA GLY A 66 -13.92 -9.15 7.23
C GLY A 66 -14.98 -8.91 8.25
N THR A 67 -14.58 -8.38 9.36
CA THR A 67 -15.47 -8.15 10.45
C THR A 67 -15.80 -6.66 10.56
N LYS A 21 12.24 2.47 -8.54
CA LYS A 21 12.32 3.42 -7.43
C LYS A 21 12.52 2.68 -6.11
N LEU A 22 11.43 2.16 -5.54
CA LEU A 22 11.53 1.41 -4.31
C LEU A 22 11.83 -0.06 -4.59
N LEU A 23 10.79 -0.83 -4.97
CA LEU A 23 10.98 -2.26 -5.26
C LEU A 23 10.43 -2.63 -6.64
N ILE A 24 9.13 -2.47 -6.83
CA ILE A 24 8.52 -2.82 -8.08
C ILE A 24 7.95 -1.61 -8.82
N THR A 25 7.31 -0.68 -8.06
CA THR A 25 6.68 0.53 -8.62
C THR A 25 5.77 0.16 -9.86
N ILE A 26 5.06 -0.95 -9.75
CA ILE A 26 4.25 -1.48 -10.83
C ILE A 26 2.97 -2.01 -10.29
N HIS A 27 3.06 -2.70 -9.20
CA HIS A 27 1.91 -3.25 -8.56
C HIS A 27 1.48 -2.31 -7.49
N ASP A 28 2.38 -1.37 -7.21
CA ASP A 28 2.25 -0.36 -6.20
C ASP A 28 0.93 0.35 -6.32
N ARG A 29 0.66 0.86 -7.47
CA ARG A 29 -0.49 1.64 -7.68
C ARG A 29 -1.72 0.80 -7.84
N LYS A 30 -1.54 -0.43 -8.13
CA LYS A 30 -2.67 -1.27 -8.41
C LYS A 30 -3.27 -1.82 -7.13
N GLU A 31 -2.46 -1.94 -6.12
CA GLU A 31 -2.93 -2.35 -4.85
C GLU A 31 -3.60 -1.20 -4.14
N PHE A 32 -3.34 0.00 -4.61
CA PHE A 32 -4.05 1.21 -4.10
C PHE A 32 -5.42 1.34 -4.74
N ALA A 33 -5.79 0.40 -5.51
CA ALA A 33 -7.06 0.45 -6.19
C ALA A 33 -8.05 -0.50 -5.57
N LYS A 34 -7.64 -1.75 -5.43
CA LYS A 34 -8.53 -2.76 -4.87
C LYS A 34 -8.09 -3.15 -3.47
N PHE A 35 -6.79 -2.93 -3.18
CA PHE A 35 -6.19 -3.16 -1.85
C PHE A 35 -6.27 -4.62 -1.43
N GLU A 36 -6.41 -5.48 -2.39
CA GLU A 36 -6.52 -6.91 -2.12
C GLU A 36 -5.26 -7.65 -2.57
N GLU A 37 -4.46 -7.00 -3.36
CA GLU A 37 -3.24 -7.60 -3.87
C GLU A 37 -2.03 -7.34 -2.95
N GLU A 38 -1.31 -6.18 -3.14
CA GLU A 38 -0.24 -5.78 -2.24
C GLU A 38 0.95 -6.73 -2.24
N ARG A 39 1.94 -6.39 -2.99
CA ARG A 39 3.21 -7.10 -2.97
C ARG A 39 3.87 -6.93 -1.63
N ALA A 40 3.89 -5.72 -1.16
CA ALA A 40 4.50 -5.42 0.09
C ALA A 40 3.54 -4.62 0.96
N ARG A 41 2.27 -4.59 0.54
CA ARG A 41 1.18 -3.93 1.24
C ARG A 41 1.40 -2.44 1.36
N ALA A 42 1.27 -1.73 0.21
CA ALA A 42 1.43 -0.24 0.15
C ALA A 42 2.72 0.20 0.82
N LYS A 43 3.65 -0.70 0.84
CA LYS A 43 4.96 -0.51 1.50
C LYS A 43 5.66 0.71 1.01
N TRP A 44 5.84 0.77 -0.25
CA TRP A 44 6.56 1.82 -0.88
C TRP A 44 5.72 3.05 -0.97
N ASP A 45 4.41 2.83 -1.23
CA ASP A 45 3.42 3.91 -1.42
C ASP A 45 3.97 4.96 -2.36
N THR A 46 4.02 4.60 -3.58
CA THR A 46 4.62 5.42 -4.58
C THR A 46 3.56 6.18 -5.36
N ALA A 47 2.46 6.47 -4.71
CA ALA A 47 1.35 7.09 -5.38
C ALA A 47 0.55 8.02 -4.50
N ASN A 48 0.53 7.76 -3.23
CA ASN A 48 -0.34 8.52 -2.34
C ASN A 48 0.46 9.52 -1.58
N ASN A 49 1.43 9.04 -0.85
CA ASN A 49 2.24 9.89 -0.02
C ASN A 49 3.77 9.61 -0.27
N PRO A 50 4.71 10.28 0.48
CA PRO A 50 6.17 10.13 0.25
C PRO A 50 6.66 8.70 0.57
N LEU A 51 6.42 8.27 1.78
CA LEU A 51 6.85 6.98 2.23
C LEU A 51 5.66 6.08 2.42
N PTR A 52 4.94 6.27 3.51
CA PTR A 52 3.72 5.57 3.81
C PTR A 52 3.18 5.96 5.19
O PTR A 52 3.55 5.40 6.21
CB PTR A 52 3.87 4.03 3.64
CG PTR A 52 4.73 3.31 4.68
CD1 PTR A 52 6.12 3.44 4.66
CD2 PTR A 52 4.16 2.49 5.64
CE1 PTR A 52 6.89 2.77 5.58
CE2 PTR A 52 4.93 1.82 6.56
CZ PTR A 52 6.30 1.97 6.53
OH PTR A 52 7.08 1.29 7.47
P PTR A 52 7.86 -0.01 7.17
O1P PTR A 52 8.97 0.31 6.16
O2P PTR A 52 8.56 -0.46 8.48
O3P PTR A 52 6.81 -0.90 6.71
H PTR A 52 5.21 6.94 4.18
HA PTR A 52 3.00 5.94 3.09
HB2 PTR A 52 2.85 3.69 3.65
HB3 PTR A 52 4.25 3.86 2.64
HD1 PTR A 52 6.58 4.07 3.93
HD2 PTR A 52 3.09 2.38 5.66
HE1 PTR A 52 7.97 2.89 5.56
HE2 PTR A 52 4.46 1.20 7.30
N LYS A 53 2.38 6.99 5.22
CA LYS A 53 1.85 7.51 6.46
C LYS A 53 0.34 7.86 6.37
N GLU A 54 -0.16 8.10 5.18
CA GLU A 54 -1.51 8.59 5.03
C GLU A 54 -2.47 7.58 4.37
N ALA A 55 -2.37 7.45 3.06
CA ALA A 55 -3.32 6.58 2.32
C ALA A 55 -2.77 5.18 2.14
N THR A 56 -1.75 4.89 2.86
CA THR A 56 -1.15 3.59 2.86
C THR A 56 -2.17 2.55 3.39
N SER A 57 -2.09 1.33 2.88
CA SER A 57 -3.10 0.36 3.18
C SER A 57 -2.51 -1.03 3.32
N THR A 58 -3.05 -1.80 4.26
CA THR A 58 -2.70 -3.17 4.45
C THR A 58 -3.93 -3.91 4.96
N PHE A 59 -4.06 -5.14 4.60
CA PHE A 59 -5.16 -5.96 5.14
C PHE A 59 -4.63 -7.25 5.76
N THR A 60 -3.42 -7.53 5.48
CA THR A 60 -2.78 -8.76 5.91
C THR A 60 -2.61 -8.86 7.45
N ASN A 61 -2.56 -7.74 8.11
CA ASN A 61 -2.33 -7.72 9.55
C ASN A 61 -3.55 -7.28 10.33
N ILE A 62 -4.51 -6.76 9.60
CA ILE A 62 -5.78 -6.25 10.17
C ILE A 62 -5.51 -5.19 11.31
N THR A 63 -4.42 -4.51 11.17
CA THR A 63 -4.08 -3.44 12.06
C THR A 63 -3.92 -2.17 11.27
N TYR A 64 -5.00 -1.61 10.91
CA TYR A 64 -5.02 -0.42 10.13
C TYR A 64 -5.77 0.70 10.82
N ARG A 65 -7.02 0.48 11.13
CA ARG A 65 -7.81 1.49 11.81
C ARG A 65 -8.80 0.87 12.78
N GLY A 66 -9.24 -0.32 12.49
CA GLY A 66 -10.20 -0.99 13.32
C GLY A 66 -11.62 -0.76 12.84
N THR A 67 -12.01 -1.48 11.83
CA THR A 67 -13.35 -1.39 11.30
C THR A 67 -14.30 -2.29 12.09
N LYS A 21 10.71 -2.57 -8.41
CA LYS A 21 10.76 -1.12 -8.27
C LYS A 21 10.79 -0.65 -6.82
N LEU A 22 9.66 -0.62 -6.17
CA LEU A 22 9.60 -0.23 -4.80
C LEU A 22 10.06 -1.36 -3.91
N LEU A 23 9.20 -2.33 -3.68
CA LEU A 23 9.57 -3.52 -2.95
C LEU A 23 9.14 -4.77 -3.67
N ILE A 24 7.85 -4.93 -3.83
CA ILE A 24 7.32 -6.17 -4.38
C ILE A 24 7.02 -6.03 -5.87
N THR A 25 6.76 -4.81 -6.29
CA THR A 25 6.50 -4.50 -7.69
C THR A 25 5.10 -5.07 -8.16
N ILE A 26 4.22 -5.32 -7.20
CA ILE A 26 2.89 -5.81 -7.52
C ILE A 26 1.81 -5.03 -6.76
N HIS A 27 1.88 -5.05 -5.46
CA HIS A 27 0.84 -4.45 -4.63
C HIS A 27 1.22 -3.06 -4.27
N ASP A 28 2.35 -2.67 -4.73
CA ASP A 28 2.93 -1.36 -4.52
C ASP A 28 2.07 -0.29 -5.20
N ARG A 29 1.28 -0.73 -6.14
CA ARG A 29 0.44 0.14 -6.95
C ARG A 29 -0.98 -0.42 -7.05
N LYS A 30 -1.11 -1.72 -6.97
CA LYS A 30 -2.39 -2.37 -7.23
C LYS A 30 -3.28 -2.32 -6.03
N GLU A 31 -2.73 -1.90 -4.92
CA GLU A 31 -3.48 -1.74 -3.74
C GLU A 31 -4.45 -0.63 -3.91
N PHE A 32 -4.06 0.37 -4.70
CA PHE A 32 -4.85 1.56 -4.92
C PHE A 32 -6.04 1.27 -5.85
N ALA A 33 -6.28 0.04 -6.09
CA ALA A 33 -7.39 -0.38 -6.88
C ALA A 33 -8.45 -1.01 -6.01
N LYS A 34 -8.04 -1.68 -4.94
CA LYS A 34 -9.00 -2.35 -4.06
C LYS A 34 -8.95 -1.80 -2.65
N PHE A 35 -7.74 -1.40 -2.23
CA PHE A 35 -7.49 -0.90 -0.87
C PHE A 35 -7.81 -1.98 0.14
N GLU A 36 -7.62 -3.22 -0.29
CA GLU A 36 -7.88 -4.39 0.53
C GLU A 36 -6.65 -5.30 0.61
N GLU A 37 -5.83 -5.26 -0.44
CA GLU A 37 -4.62 -6.08 -0.49
C GLU A 37 -3.51 -5.50 0.40
N GLU A 38 -2.70 -4.54 -0.15
CA GLU A 38 -1.70 -3.78 0.63
C GLU A 38 -0.85 -4.64 1.55
N ARG A 39 0.19 -5.17 1.03
CA ARG A 39 1.16 -5.90 1.83
C ARG A 39 1.76 -4.98 2.88
N ALA A 40 2.42 -3.93 2.44
CA ALA A 40 3.02 -2.97 3.32
C ALA A 40 2.09 -1.79 3.58
N ARG A 41 0.96 -1.75 2.84
CA ARG A 41 -0.08 -0.74 2.99
C ARG A 41 0.43 0.67 2.74
N ALA A 42 0.42 1.07 1.46
CA ALA A 42 0.83 2.41 1.00
C ALA A 42 2.20 2.80 1.52
N LYS A 43 3.01 1.81 1.76
CA LYS A 43 4.39 2.06 2.19
C LYS A 43 5.18 2.67 1.07
N TRP A 44 4.99 2.16 -0.08
CA TRP A 44 5.55 2.69 -1.24
C TRP A 44 4.73 3.87 -1.69
N ASP A 45 3.38 3.63 -1.85
CA ASP A 45 2.40 4.71 -2.24
C ASP A 45 2.92 5.47 -3.48
N THR A 46 3.63 4.73 -4.33
CA THR A 46 4.39 5.28 -5.44
C THR A 46 3.51 6.08 -6.43
N ALA A 47 2.25 5.75 -6.50
CA ALA A 47 1.33 6.41 -7.43
C ALA A 47 0.91 7.78 -6.90
N ASN A 48 1.47 8.17 -5.77
CA ASN A 48 1.12 9.42 -5.16
C ASN A 48 2.38 10.17 -4.79
N ASN A 49 3.11 9.64 -3.84
CA ASN A 49 4.38 10.20 -3.42
C ASN A 49 5.51 9.10 -3.57
N PRO A 50 6.80 9.42 -3.23
CA PRO A 50 7.91 8.47 -3.45
C PRO A 50 7.89 7.32 -2.43
N LEU A 51 7.70 7.66 -1.19
CA LEU A 51 7.64 6.71 -0.11
C LEU A 51 6.50 7.03 0.82
N PTR A 52 6.77 7.92 1.78
CA PTR A 52 5.79 8.39 2.73
C PTR A 52 6.42 9.39 3.69
O PTR A 52 6.93 9.03 4.75
CB PTR A 52 5.06 7.24 3.46
CG PTR A 52 5.93 6.26 4.30
CD1 PTR A 52 6.71 5.29 3.69
CD2 PTR A 52 5.94 6.31 5.69
CE1 PTR A 52 7.46 4.38 4.42
CE2 PTR A 52 6.69 5.42 6.44
CZ PTR A 52 7.45 4.46 5.80
OH PTR A 52 8.19 3.52 6.56
P PTR A 52 9.75 3.56 6.80
O1P PTR A 52 10.18 2.17 7.24
O2P PTR A 52 10.02 4.50 8.01
O3P PTR A 52 10.26 4.01 5.53
H PTR A 52 7.68 8.26 1.87
HA PTR A 52 5.07 8.94 2.13
HB2 PTR A 52 4.34 7.73 4.11
HB3 PTR A 52 4.51 6.68 2.73
HD1 PTR A 52 6.72 5.23 2.60
HD2 PTR A 52 5.34 7.06 6.19
HE1 PTR A 52 8.05 3.63 3.91
HE2 PTR A 52 6.68 5.47 7.52
N LYS A 53 6.38 10.64 3.31
CA LYS A 53 6.91 11.69 4.14
C LYS A 53 5.92 12.82 4.27
N GLU A 54 4.70 12.57 3.86
CA GLU A 54 3.69 13.58 3.82
C GLU A 54 2.30 13.01 4.12
N ALA A 55 1.93 11.95 3.41
CA ALA A 55 0.62 11.33 3.59
C ALA A 55 0.60 9.92 3.02
N THR A 56 0.62 8.96 3.89
CA THR A 56 0.51 7.56 3.50
C THR A 56 -0.84 6.97 3.98
N SER A 57 -1.24 5.86 3.42
CA SER A 57 -2.56 5.33 3.64
C SER A 57 -2.54 3.94 4.25
N THR A 58 -3.68 3.52 4.78
CA THR A 58 -3.85 2.20 5.37
C THR A 58 -5.28 2.02 5.91
N PHE A 59 -5.93 0.95 5.50
CA PHE A 59 -7.30 0.68 5.92
C PHE A 59 -7.36 0.02 7.30
N THR A 60 -6.73 -1.12 7.42
CA THR A 60 -6.70 -1.92 8.63
C THR A 60 -8.09 -2.13 9.28
N ASN A 61 -8.75 -3.17 8.84
CA ASN A 61 -10.06 -3.54 9.35
C ASN A 61 -10.36 -4.98 8.97
N ILE A 62 -10.08 -5.29 7.76
CA ILE A 62 -10.13 -6.67 7.26
C ILE A 62 -8.76 -7.27 7.31
N THR A 63 -7.86 -6.53 7.84
CA THR A 63 -6.51 -6.99 8.03
C THR A 63 -6.45 -7.93 9.22
N TYR A 64 -6.91 -9.11 9.01
CA TYR A 64 -6.87 -10.15 10.00
C TYR A 64 -5.43 -10.53 10.33
N ARG A 65 -4.86 -11.38 9.54
CA ARG A 65 -3.49 -11.72 9.67
C ARG A 65 -2.68 -11.05 8.61
N GLY A 66 -3.37 -10.29 7.79
CA GLY A 66 -2.73 -9.59 6.72
C GLY A 66 -2.57 -10.45 5.52
N THR A 67 -3.64 -10.66 4.83
CA THR A 67 -3.64 -11.51 3.70
C THR A 67 -3.95 -10.69 2.43
N LYS A 21 9.48 4.08 -9.21
CA LYS A 21 10.96 4.15 -9.09
C LYS A 21 11.45 3.52 -7.79
N LEU A 22 10.53 3.04 -6.96
CA LEU A 22 10.89 2.46 -5.69
C LEU A 22 11.43 1.04 -5.87
N LEU A 23 10.54 0.07 -5.99
CA LEU A 23 10.95 -1.31 -6.21
C LEU A 23 10.31 -1.86 -7.46
N ILE A 24 9.04 -2.22 -7.38
CA ILE A 24 8.36 -2.78 -8.49
C ILE A 24 7.69 -1.70 -9.33
N THR A 25 6.96 -0.79 -8.66
CA THR A 25 6.25 0.29 -9.35
C THR A 25 5.26 -0.29 -10.40
N ILE A 26 4.53 -1.32 -9.98
CA ILE A 26 3.65 -2.05 -10.84
C ILE A 26 2.46 -2.55 -10.08
N HIS A 27 2.72 -3.19 -8.94
CA HIS A 27 1.66 -3.89 -8.24
C HIS A 27 1.23 -3.08 -7.07
N ASP A 28 2.05 -2.13 -6.73
CA ASP A 28 1.76 -1.17 -5.70
C ASP A 28 0.50 -0.49 -5.98
N ARG A 29 0.33 -0.08 -7.21
CA ARG A 29 -0.84 0.62 -7.63
C ARG A 29 -2.07 -0.25 -7.44
N LYS A 30 -1.87 -1.55 -7.38
CA LYS A 30 -2.97 -2.45 -7.29
C LYS A 30 -3.33 -2.74 -5.84
N GLU A 31 -2.37 -2.61 -4.95
CA GLU A 31 -2.66 -2.77 -3.55
C GLU A 31 -3.27 -1.54 -2.97
N PHE A 32 -3.34 -0.54 -3.79
CA PHE A 32 -4.12 0.65 -3.49
C PHE A 32 -5.48 0.56 -4.21
N ALA A 33 -5.72 -0.55 -4.84
CA ALA A 33 -6.97 -0.78 -5.55
C ALA A 33 -7.76 -1.91 -4.90
N LYS A 34 -7.09 -3.02 -4.66
CA LYS A 34 -7.71 -4.17 -4.00
C LYS A 34 -7.29 -4.20 -2.55
N PHE A 35 -6.11 -3.63 -2.29
CA PHE A 35 -5.53 -3.55 -0.93
C PHE A 35 -5.27 -4.93 -0.35
N GLU A 36 -5.22 -5.92 -1.23
CA GLU A 36 -4.98 -7.30 -0.84
C GLU A 36 -3.77 -7.87 -1.56
N GLU A 37 -3.01 -7.03 -2.14
CA GLU A 37 -1.86 -7.46 -2.91
C GLU A 37 -0.62 -7.48 -2.03
N GLU A 38 -0.05 -6.29 -1.82
CA GLU A 38 1.10 -6.09 -0.97
C GLU A 38 2.30 -6.87 -1.42
N ARG A 39 2.99 -6.34 -2.34
CA ARG A 39 4.30 -6.88 -2.70
C ARG A 39 5.28 -6.54 -1.61
N ALA A 40 5.06 -5.41 -0.98
CA ALA A 40 5.85 -4.99 0.15
C ALA A 40 4.98 -4.27 1.19
N ARG A 41 3.64 -4.40 1.03
CA ARG A 41 2.65 -3.86 1.96
C ARG A 41 2.59 -2.34 1.93
N ALA A 42 2.22 -1.76 0.77
CA ALA A 42 2.13 -0.28 0.56
C ALA A 42 3.43 0.42 0.97
N LYS A 43 4.47 -0.38 1.06
CA LYS A 43 5.83 0.03 1.45
C LYS A 43 6.25 1.30 0.76
N TRP A 44 6.22 1.27 -0.54
CA TRP A 44 6.63 2.36 -1.34
C TRP A 44 5.61 3.45 -1.32
N ASP A 45 4.35 3.05 -1.57
CA ASP A 45 3.25 3.99 -1.81
C ASP A 45 3.62 4.93 -2.93
N THR A 46 3.40 4.50 -4.10
CA THR A 46 3.90 5.16 -5.25
C THR A 46 2.95 6.30 -5.72
N ALA A 47 1.66 6.14 -5.49
CA ALA A 47 0.68 7.04 -6.10
C ALA A 47 -0.25 7.71 -5.10
N ASN A 48 0.10 7.67 -3.85
CA ASN A 48 -0.78 8.31 -2.85
C ASN A 48 0.01 9.34 -2.06
N ASN A 49 0.93 8.88 -1.24
CA ASN A 49 1.76 9.76 -0.45
C ASN A 49 3.28 9.49 -0.74
N PRO A 50 4.22 10.31 -0.18
CA PRO A 50 5.68 10.21 -0.51
C PRO A 50 6.28 8.86 -0.10
N LEU A 51 6.12 8.52 1.13
CA LEU A 51 6.59 7.29 1.66
C LEU A 51 5.45 6.54 2.28
N PTR A 52 5.02 7.01 3.45
CA PTR A 52 3.86 6.53 4.14
C PTR A 52 3.73 7.25 5.48
O PTR A 52 4.25 6.83 6.49
CB PTR A 52 3.82 4.99 4.29
CG PTR A 52 4.99 4.37 5.10
CD1 PTR A 52 4.76 3.82 6.35
CD2 PTR A 52 6.27 4.33 4.59
CE1 PTR A 52 5.80 3.26 7.07
CE2 PTR A 52 7.31 3.78 5.29
CZ PTR A 52 7.07 3.24 6.54
OH PTR A 52 8.12 2.67 7.27
P PTR A 52 9.00 1.50 6.78
O1P PTR A 52 9.36 0.64 7.98
O2P PTR A 52 8.16 0.62 5.84
O3P PTR A 52 10.10 2.20 6.13
H PTR A 52 5.52 7.72 3.89
HA PTR A 52 3.02 6.85 3.53
HB2 PTR A 52 2.87 4.79 4.72
HB3 PTR A 52 3.82 4.57 3.29
HD1 PTR A 52 3.76 3.83 6.76
HD2 PTR A 52 6.46 4.76 3.61
HE1 PTR A 52 5.60 2.83 8.04
HE2 PTR A 52 8.30 3.77 4.88
N LYS A 53 3.07 8.38 5.44
CA LYS A 53 2.96 9.23 6.62
C LYS A 53 1.52 9.70 6.85
N GLU A 54 0.59 9.05 6.21
CA GLU A 54 -0.80 9.40 6.37
C GLU A 54 -1.70 8.19 6.30
N ALA A 55 -1.49 7.35 5.32
CA ALA A 55 -2.31 6.18 5.16
C ALA A 55 -1.55 5.08 4.45
N THR A 56 -1.30 4.01 5.13
CA THR A 56 -0.69 2.86 4.53
C THR A 56 -1.80 1.86 4.14
N SER A 57 -1.54 1.01 3.17
CA SER A 57 -2.55 0.05 2.74
C SER A 57 -2.10 -1.33 3.03
N THR A 58 -2.57 -1.85 4.09
CA THR A 58 -2.20 -3.13 4.53
C THR A 58 -3.37 -3.86 5.11
N PHE A 59 -3.49 -5.10 4.79
CA PHE A 59 -4.55 -5.94 5.29
C PHE A 59 -3.97 -7.06 6.11
N THR A 60 -2.72 -7.40 5.83
CA THR A 60 -2.05 -8.46 6.56
C THR A 60 -1.92 -8.11 8.06
N ASN A 61 -1.81 -6.82 8.35
CA ASN A 61 -1.79 -6.32 9.75
C ASN A 61 -3.20 -6.28 10.33
N ILE A 62 -4.15 -6.57 9.49
CA ILE A 62 -5.57 -6.63 9.84
C ILE A 62 -6.10 -5.24 10.33
N THR A 63 -5.43 -4.22 9.89
CA THR A 63 -5.86 -2.87 10.08
C THR A 63 -6.30 -2.32 8.74
N TYR A 64 -7.50 -2.57 8.45
CA TYR A 64 -8.07 -2.22 7.17
C TYR A 64 -8.92 -0.97 7.27
N ARG A 65 -9.91 -1.02 8.12
CA ARG A 65 -10.79 0.09 8.32
C ARG A 65 -10.64 0.60 9.72
N GLY A 66 -11.03 -0.23 10.66
CA GLY A 66 -11.05 0.16 12.04
C GLY A 66 -12.37 0.77 12.41
N THR A 67 -13.44 0.15 11.99
CA THR A 67 -14.77 0.62 12.28
C THR A 67 -15.44 -0.26 13.33
N LYS A 21 10.28 0.51 -9.98
CA LYS A 21 11.32 1.47 -9.61
C LYS A 21 11.75 1.33 -8.15
N LEU A 22 10.80 1.00 -7.27
CA LEU A 22 11.12 0.77 -5.89
C LEU A 22 11.49 -0.70 -5.65
N LEU A 23 10.47 -1.56 -5.45
CA LEU A 23 10.73 -2.97 -5.17
C LEU A 23 10.11 -3.90 -6.22
N ILE A 24 8.78 -4.01 -6.21
CA ILE A 24 8.11 -4.97 -7.07
C ILE A 24 7.68 -4.38 -8.41
N THR A 25 7.22 -3.12 -8.39
CA THR A 25 6.78 -2.43 -9.63
C THR A 25 5.53 -3.15 -10.28
N ILE A 26 4.88 -4.01 -9.51
CA ILE A 26 3.73 -4.79 -10.01
C ILE A 26 2.49 -4.53 -9.18
N HIS A 27 2.64 -4.60 -7.88
CA HIS A 27 1.58 -4.20 -6.98
C HIS A 27 1.95 -2.93 -6.33
N ASP A 28 3.11 -2.45 -6.73
CA ASP A 28 3.72 -1.23 -6.22
C ASP A 28 2.75 -0.09 -6.33
N ARG A 29 2.05 -0.06 -7.42
CA ARG A 29 1.13 0.95 -7.71
C ARG A 29 -0.31 0.39 -7.61
N LYS A 30 -0.42 -0.92 -7.54
CA LYS A 30 -1.68 -1.57 -7.74
C LYS A 30 -2.49 -1.63 -6.47
N GLU A 31 -1.83 -1.59 -5.34
CA GLU A 31 -2.52 -1.60 -4.07
C GLU A 31 -3.12 -0.25 -3.75
N PHE A 32 -2.84 0.68 -4.59
CA PHE A 32 -3.47 1.99 -4.52
C PHE A 32 -4.71 2.01 -5.41
N ALA A 33 -5.06 0.88 -5.90
CA ALA A 33 -6.23 0.75 -6.73
C ALA A 33 -7.33 0.01 -6.02
N LYS A 34 -7.00 -1.11 -5.41
CA LYS A 34 -7.99 -1.90 -4.70
C LYS A 34 -7.81 -1.75 -3.21
N PHE A 35 -6.54 -1.53 -2.79
CA PHE A 35 -6.17 -1.35 -1.37
C PHE A 35 -6.46 -2.60 -0.58
N GLU A 36 -6.45 -3.71 -1.27
CA GLU A 36 -6.75 -5.00 -0.68
C GLU A 36 -5.64 -6.00 -0.91
N GLU A 37 -4.69 -5.62 -1.72
CA GLU A 37 -3.53 -6.47 -1.97
C GLU A 37 -2.38 -6.16 -1.00
N GLU A 38 -1.55 -5.14 -1.33
CA GLU A 38 -0.44 -4.71 -0.47
C GLU A 38 0.57 -5.79 -0.24
N ARG A 39 1.48 -5.84 -1.10
CA ARG A 39 2.58 -6.74 -0.97
C ARG A 39 3.59 -6.22 0.01
N ALA A 40 3.71 -4.92 0.06
CA ALA A 40 4.55 -4.30 1.04
C ALA A 40 3.79 -3.25 1.83
N ARG A 41 2.45 -3.23 1.67
CA ARG A 41 1.57 -2.36 2.49
C ARG A 41 1.82 -0.87 2.16
N ALA A 42 1.77 -0.54 0.87
CA ALA A 42 1.97 0.86 0.37
C ALA A 42 3.32 1.41 0.78
N LYS A 43 4.21 0.50 1.06
CA LYS A 43 5.59 0.79 1.50
C LYS A 43 6.25 1.84 0.65
N TRP A 44 6.33 1.56 -0.63
CA TRP A 44 7.03 2.40 -1.56
C TRP A 44 6.28 3.67 -1.81
N ASP A 45 5.07 3.52 -2.37
CA ASP A 45 4.22 4.65 -2.78
C ASP A 45 4.85 5.43 -3.92
N THR A 46 4.21 5.41 -5.03
CA THR A 46 4.70 6.08 -6.16
C THR A 46 3.58 6.94 -6.78
N ALA A 47 2.45 6.98 -6.11
CA ALA A 47 1.27 7.63 -6.66
C ALA A 47 0.50 8.46 -5.63
N ASN A 48 0.98 8.49 -4.42
CA ASN A 48 0.28 9.23 -3.38
C ASN A 48 1.16 10.33 -2.84
N ASN A 49 2.22 9.94 -2.15
CA ASN A 49 3.17 10.88 -1.60
C ASN A 49 4.65 10.35 -1.83
N PRO A 50 5.71 11.08 -1.31
CA PRO A 50 7.13 10.70 -1.57
C PRO A 50 7.49 9.33 -0.98
N LEU A 51 7.20 9.18 0.27
CA LEU A 51 7.46 7.96 0.97
C LEU A 51 6.16 7.41 1.50
N PTR A 52 5.71 7.99 2.59
CA PTR A 52 4.43 7.70 3.18
C PTR A 52 4.23 8.55 4.42
O PTR A 52 4.66 8.22 5.50
CB PTR A 52 4.20 6.20 3.44
CG PTR A 52 5.12 5.52 4.43
CD1 PTR A 52 4.69 5.23 5.72
CD2 PTR A 52 6.40 5.13 4.08
CE1 PTR A 52 5.49 4.57 6.61
CE2 PTR A 52 7.21 4.49 4.97
CZ PTR A 52 6.76 4.21 6.23
OH PTR A 52 7.56 3.52 7.12
P PTR A 52 7.83 2.00 7.03
O1P PTR A 52 6.74 1.36 6.16
O2P PTR A 52 7.69 1.39 8.45
O3P PTR A 52 9.16 1.98 6.49
H PTR A 52 6.25 8.66 3.04
HA PTR A 52 3.71 8.05 2.46
HB2 PTR A 52 3.18 6.14 3.75
HB3 PTR A 52 4.27 5.71 2.48
HD1 PTR A 52 3.68 5.52 6.01
HD2 PTR A 52 6.76 5.35 3.08
HE1 PTR A 52 5.13 4.35 7.61
HE2 PTR A 52 8.22 4.19 4.68
N LYS A 53 3.63 9.69 4.21
CA LYS A 53 3.46 10.64 5.28
C LYS A 53 2.14 11.45 5.15
N GLU A 54 1.23 10.97 4.32
CA GLU A 54 -0.08 11.60 4.20
C GLU A 54 -1.17 10.60 3.79
N ALA A 55 -0.90 9.81 2.76
CA ALA A 55 -1.85 8.83 2.28
C ALA A 55 -1.19 7.50 2.05
N THR A 56 -1.30 6.63 3.01
CA THR A 56 -0.66 5.35 2.94
C THR A 56 -1.69 4.22 3.12
N SER A 57 -1.50 3.13 2.44
CA SER A 57 -2.50 2.09 2.41
C SER A 57 -2.19 0.99 3.39
N THR A 58 -3.23 0.54 4.06
CA THR A 58 -3.15 -0.58 4.97
C THR A 58 -4.52 -0.95 5.46
N PHE A 59 -4.87 -2.17 5.23
CA PHE A 59 -6.14 -2.71 5.68
C PHE A 59 -5.90 -3.74 6.74
N THR A 60 -4.69 -4.23 6.78
CA THR A 60 -4.28 -5.33 7.65
C THR A 60 -4.42 -4.98 9.14
N ASN A 61 -4.52 -3.71 9.41
CA ASN A 61 -4.70 -3.21 10.77
C ASN A 61 -6.11 -3.51 11.27
N ILE A 62 -6.99 -3.71 10.34
CA ILE A 62 -8.36 -4.09 10.63
C ILE A 62 -8.56 -5.54 10.19
N THR A 63 -8.12 -5.82 9.00
CA THR A 63 -8.26 -7.10 8.40
C THR A 63 -7.14 -8.02 8.81
N TYR A 64 -7.32 -8.62 9.90
CA TYR A 64 -6.44 -9.61 10.41
C TYR A 64 -7.19 -10.55 11.35
N ARG A 65 -8.05 -9.97 12.15
CA ARG A 65 -8.97 -10.73 12.96
C ARG A 65 -10.38 -10.16 12.81
N GLY A 66 -10.45 -8.87 12.52
CA GLY A 66 -11.70 -8.24 12.35
C GLY A 66 -12.09 -7.41 13.53
N THR A 67 -11.49 -6.27 13.67
CA THR A 67 -11.83 -5.36 14.70
C THR A 67 -11.72 -3.91 14.20
N LYS A 21 11.54 4.66 -7.43
CA LYS A 21 11.60 3.24 -7.13
C LYS A 21 11.63 2.99 -5.63
N LEU A 22 11.04 1.91 -5.20
CA LEU A 22 11.00 1.55 -3.83
C LEU A 22 11.29 0.07 -3.67
N LEU A 23 10.43 -0.77 -4.23
CA LEU A 23 10.69 -2.21 -4.25
C LEU A 23 10.39 -2.80 -5.62
N ILE A 24 9.18 -2.52 -6.15
CA ILE A 24 8.78 -3.08 -7.39
C ILE A 24 8.44 -1.99 -8.43
N THR A 25 7.73 -0.95 -8.00
CA THR A 25 7.27 0.15 -8.91
C THR A 25 6.44 -0.44 -10.11
N ILE A 26 5.71 -1.52 -9.84
CA ILE A 26 4.99 -2.22 -10.88
C ILE A 26 3.61 -2.59 -10.43
N HIS A 27 3.50 -3.18 -9.27
CA HIS A 27 2.23 -3.62 -8.79
C HIS A 27 1.83 -2.80 -7.64
N ASP A 28 2.72 -1.92 -7.23
CA ASP A 28 2.53 -1.10 -6.06
C ASP A 28 1.35 -0.22 -6.23
N ARG A 29 1.18 0.31 -7.40
CA ARG A 29 0.10 1.15 -7.69
C ARG A 29 -1.14 0.32 -7.96
N LYS A 30 -0.94 -0.92 -8.33
CA LYS A 30 -2.03 -1.72 -8.81
C LYS A 30 -2.81 -2.34 -7.69
N GLU A 31 -2.20 -2.46 -6.56
CA GLU A 31 -2.88 -2.95 -5.39
C GLU A 31 -3.73 -1.89 -4.80
N PHE A 32 -3.52 -0.68 -5.22
CA PHE A 32 -4.41 0.43 -4.88
C PHE A 32 -5.53 0.54 -5.89
N ALA A 33 -5.56 -0.36 -6.81
CA ALA A 33 -6.58 -0.36 -7.80
C ALA A 33 -7.69 -1.30 -7.43
N LYS A 34 -7.37 -2.56 -7.18
CA LYS A 34 -8.39 -3.53 -6.81
C LYS A 34 -8.28 -3.98 -5.35
N PHE A 35 -7.09 -3.77 -4.76
CA PHE A 35 -6.82 -4.14 -3.36
C PHE A 35 -7.05 -5.60 -3.16
N GLU A 36 -6.46 -6.35 -3.99
CA GLU A 36 -6.56 -7.78 -3.95
C GLU A 36 -5.17 -8.41 -3.98
N GLU A 37 -4.24 -7.68 -4.48
CA GLU A 37 -2.92 -8.16 -4.70
C GLU A 37 -1.98 -7.88 -3.50
N GLU A 38 -1.32 -6.70 -3.50
CA GLU A 38 -0.40 -6.32 -2.44
C GLU A 38 0.78 -7.23 -2.37
N ARG A 39 1.82 -6.84 -2.99
CA ARG A 39 3.07 -7.58 -2.97
C ARG A 39 3.74 -7.41 -1.64
N ALA A 40 4.05 -6.18 -1.31
CA ALA A 40 4.59 -5.84 -0.01
C ALA A 40 3.47 -5.37 0.89
N ARG A 41 2.25 -5.57 0.39
CA ARG A 41 1.04 -5.21 1.07
C ARG A 41 0.96 -3.73 1.32
N ALA A 42 0.68 -2.96 0.25
CA ALA A 42 0.51 -1.48 0.27
C ALA A 42 1.82 -0.75 0.57
N LYS A 43 2.59 -1.29 1.51
CA LYS A 43 3.88 -0.77 2.07
C LYS A 43 4.28 0.64 1.62
N TRP A 44 4.65 0.75 0.39
CA TRP A 44 5.19 1.99 -0.17
C TRP A 44 4.11 3.05 -0.22
N ASP A 45 2.89 2.62 -0.52
CA ASP A 45 1.70 3.48 -0.60
C ASP A 45 1.95 4.73 -1.45
N THR A 46 2.78 4.56 -2.48
CA THR A 46 3.30 5.65 -3.30
C THR A 46 2.20 6.58 -3.84
N ALA A 47 1.11 5.99 -4.25
CA ALA A 47 0.03 6.75 -4.88
C ALA A 47 -0.89 7.40 -3.86
N ASN A 48 -0.56 7.28 -2.61
CA ASN A 48 -1.39 7.84 -1.56
C ASN A 48 -0.59 8.80 -0.73
N ASN A 49 0.52 8.33 -0.24
CA ASN A 49 1.37 9.09 0.63
C ASN A 49 2.86 8.78 0.28
N PRO A 50 3.84 9.49 0.91
CA PRO A 50 5.26 9.28 0.61
C PRO A 50 5.78 7.91 1.11
N LEU A 51 5.48 7.58 2.35
CA LEU A 51 5.99 6.34 2.94
C LEU A 51 4.88 5.47 3.37
N PTR A 52 4.28 5.82 4.55
CA PTR A 52 3.18 5.05 5.16
C PTR A 52 2.98 5.41 6.65
O PTR A 52 2.17 4.79 7.33
CB PTR A 52 3.39 3.55 5.04
CG PTR A 52 4.56 2.99 5.85
CD1 PTR A 52 4.34 2.32 7.04
CD2 PTR A 52 5.87 3.13 5.41
CE1 PTR A 52 5.39 1.80 7.77
CE2 PTR A 52 6.91 2.62 6.13
CZ PTR A 52 6.68 1.95 7.31
OH PTR A 52 7.74 1.44 8.03
P PTR A 52 8.48 0.12 7.67
O1P PTR A 52 9.05 0.26 6.26
O2P PTR A 52 9.67 -0.02 8.62
O3P PTR A 52 7.44 -0.86 7.86
H PTR A 52 4.56 6.65 4.97
HA PTR A 52 2.28 5.32 4.64
HB2 PTR A 52 2.45 3.15 5.34
HB3 PTR A 52 3.54 3.36 3.98
HD1 PTR A 52 3.33 2.20 7.40
HD2 PTR A 52 6.06 3.64 4.49
HE1 PTR A 52 5.20 1.28 8.70
HE2 PTR A 52 7.92 2.74 5.77
N LYS A 53 3.70 6.42 7.15
CA LYS A 53 3.61 6.73 8.55
C LYS A 53 2.43 7.64 8.80
N GLU A 54 1.93 8.20 7.74
CA GLU A 54 0.77 9.03 7.81
C GLU A 54 -0.49 8.22 7.55
N ALA A 55 -0.39 7.26 6.65
CA ALA A 55 -1.48 6.41 6.29
C ALA A 55 -0.97 5.22 5.54
N THR A 56 -1.71 4.16 5.57
CA THR A 56 -1.36 2.96 4.81
C THR A 56 -2.64 2.31 4.21
N SER A 57 -2.51 1.68 3.08
CA SER A 57 -3.62 1.00 2.45
C SER A 57 -3.72 -0.45 2.98
N THR A 58 -4.89 -1.09 2.79
CA THR A 58 -5.14 -2.47 3.21
C THR A 58 -6.47 -2.93 2.69
N PHE A 59 -6.73 -4.19 2.82
CA PHE A 59 -8.02 -4.74 2.53
C PHE A 59 -8.33 -5.93 3.43
N THR A 60 -7.30 -6.61 3.86
CA THR A 60 -7.44 -7.78 4.70
C THR A 60 -7.73 -7.40 6.17
N ASN A 61 -7.13 -6.33 6.63
CA ASN A 61 -7.28 -5.92 8.01
C ASN A 61 -7.29 -4.41 8.13
N ILE A 62 -7.74 -3.92 9.28
CA ILE A 62 -7.74 -2.51 9.57
C ILE A 62 -6.81 -2.22 10.78
N THR A 63 -6.21 -3.25 11.29
CA THR A 63 -5.34 -3.14 12.44
C THR A 63 -3.88 -2.94 12.04
N TYR A 64 -3.64 -2.88 10.74
CA TYR A 64 -2.29 -2.65 10.16
C TYR A 64 -1.53 -1.58 10.93
N ARG A 65 -2.03 -0.38 10.91
CA ARG A 65 -1.45 0.72 11.62
C ARG A 65 -2.51 1.40 12.39
N GLY A 66 -3.54 1.80 11.69
CA GLY A 66 -4.62 2.51 12.30
C GLY A 66 -4.76 3.89 11.74
N THR A 67 -4.57 4.02 10.45
CA THR A 67 -4.63 5.27 9.79
C THR A 67 -4.72 5.08 8.26
N LYS A 21 10.96 2.38 -9.14
CA LYS A 21 9.99 2.61 -8.09
C LYS A 21 10.58 2.22 -6.75
N LEU A 22 9.74 1.79 -5.84
CA LEU A 22 10.16 1.48 -4.51
C LEU A 22 10.86 0.13 -4.45
N LEU A 23 10.12 -0.92 -4.73
CA LEU A 23 10.69 -2.25 -4.64
C LEU A 23 10.55 -3.03 -5.93
N ILE A 24 9.33 -3.14 -6.43
CA ILE A 24 9.07 -4.06 -7.52
C ILE A 24 8.74 -3.31 -8.85
N THR A 25 8.08 -2.15 -8.72
CA THR A 25 7.74 -1.30 -9.89
C THR A 25 6.51 -1.89 -10.67
N ILE A 26 5.75 -2.76 -10.01
CA ILE A 26 4.58 -3.38 -10.65
C ILE A 26 3.38 -3.34 -9.76
N HIS A 27 3.56 -3.64 -8.50
CA HIS A 27 2.46 -3.68 -7.55
C HIS A 27 2.56 -2.55 -6.59
N ASP A 28 3.65 -1.83 -6.66
CA ASP A 28 3.96 -0.69 -5.78
C ASP A 28 2.90 0.40 -5.91
N ARG A 29 2.12 0.29 -6.95
CA ARG A 29 1.05 1.20 -7.22
C ARG A 29 -0.25 0.44 -7.54
N LYS A 30 -0.10 -0.78 -7.97
CA LYS A 30 -1.19 -1.49 -8.58
C LYS A 30 -2.23 -1.92 -7.55
N GLU A 31 -1.79 -2.21 -6.36
CA GLU A 31 -2.71 -2.58 -5.29
C GLU A 31 -3.48 -1.40 -4.79
N PHE A 32 -3.13 -0.26 -5.27
CA PHE A 32 -3.88 0.95 -5.01
C PHE A 32 -4.82 1.26 -6.16
N ALA A 33 -4.91 0.35 -7.07
CA ALA A 33 -5.81 0.50 -8.18
C ALA A 33 -6.99 -0.43 -8.01
N LYS A 34 -6.70 -1.70 -7.85
CA LYS A 34 -7.75 -2.69 -7.69
C LYS A 34 -7.90 -3.11 -6.24
N PHE A 35 -6.79 -2.99 -5.46
CA PHE A 35 -6.77 -3.36 -4.05
C PHE A 35 -7.12 -4.81 -3.89
N GLU A 36 -6.59 -5.60 -4.73
CA GLU A 36 -6.85 -7.02 -4.73
C GLU A 36 -5.55 -7.82 -4.60
N GLU A 37 -4.46 -7.19 -4.92
CA GLU A 37 -3.17 -7.86 -4.96
C GLU A 37 -2.40 -7.74 -3.64
N GLU A 38 -1.56 -6.67 -3.50
CA GLU A 38 -0.69 -6.47 -2.35
C GLU A 38 0.42 -7.47 -2.26
N ARG A 39 1.56 -7.03 -2.57
CA ARG A 39 2.76 -7.81 -2.35
C ARG A 39 3.31 -7.53 -0.99
N ALA A 40 3.42 -6.26 -0.67
CA ALA A 40 3.91 -5.84 0.60
C ALA A 40 2.80 -5.19 1.42
N ARG A 41 1.55 -5.49 1.05
CA ARG A 41 0.36 -4.96 1.73
C ARG A 41 0.32 -3.45 1.61
N ALA A 42 0.53 -2.95 0.39
CA ALA A 42 0.52 -1.53 0.07
C ALA A 42 1.57 -0.76 0.89
N LYS A 43 2.58 -1.51 1.35
CA LYS A 43 3.71 -1.01 2.20
C LYS A 43 4.19 0.38 1.81
N TRP A 44 4.59 0.51 0.58
CA TRP A 44 5.17 1.73 0.07
C TRP A 44 4.17 2.86 0.15
N ASP A 45 2.93 2.56 -0.27
CA ASP A 45 1.76 3.49 -0.11
C ASP A 45 2.03 4.83 -0.83
N THR A 46 2.94 4.80 -1.78
CA THR A 46 3.40 5.99 -2.49
C THR A 46 2.31 6.64 -3.31
N ALA A 47 1.31 5.88 -3.63
CA ALA A 47 0.15 6.38 -4.35
C ALA A 47 -0.66 7.31 -3.48
N ASN A 48 -0.42 7.25 -2.20
CA ASN A 48 -1.20 7.97 -1.25
C ASN A 48 -0.35 9.05 -0.62
N ASN A 49 0.70 8.64 0.05
CA ASN A 49 1.63 9.56 0.64
C ASN A 49 3.09 9.10 0.35
N PRO A 50 4.14 9.87 0.78
CA PRO A 50 5.55 9.54 0.47
C PRO A 50 5.97 8.17 0.99
N LEU A 51 5.85 7.97 2.29
CA LEU A 51 6.18 6.69 2.89
C LEU A 51 5.01 6.14 3.66
N PTR A 52 4.59 6.85 4.70
CA PTR A 52 3.38 6.58 5.45
C PTR A 52 3.22 7.50 6.65
O PTR A 52 3.47 7.14 7.79
CB PTR A 52 3.18 5.09 5.82
CG PTR A 52 4.23 4.45 6.74
CD1 PTR A 52 5.48 4.12 6.27
CD2 PTR A 52 3.92 4.16 8.06
CE1 PTR A 52 6.41 3.52 7.09
CE2 PTR A 52 4.86 3.57 8.89
CZ PTR A 52 6.10 3.25 8.39
OH PTR A 52 7.04 2.63 9.21
P PTR A 52 7.47 1.14 9.09
O1P PTR A 52 8.17 0.95 7.74
O2P PTR A 52 8.52 0.87 10.19
O3P PTR A 52 6.23 0.46 9.27
H PTR A 52 5.11 7.62 5.01
HA PTR A 52 2.59 6.87 4.77
HB2 PTR A 52 2.18 5.08 6.23
HB3 PTR A 52 3.13 4.54 4.88
HD1 PTR A 52 5.73 4.33 5.24
HD2 PTR A 52 2.95 4.41 8.46
HE1 PTR A 52 7.38 3.27 6.70
HE2 PTR A 52 4.61 3.36 9.92
N LYS A 53 2.87 8.71 6.35
CA LYS A 53 2.65 9.74 7.36
C LYS A 53 1.28 9.61 7.99
N GLU A 54 0.37 9.07 7.23
CA GLU A 54 -0.98 8.88 7.70
C GLU A 54 -1.22 7.45 8.08
N ALA A 55 -1.15 6.60 7.10
CA ALA A 55 -1.36 5.22 7.28
C ALA A 55 -0.78 4.47 6.12
N THR A 56 -1.12 3.25 6.02
CA THR A 56 -0.74 2.43 4.93
C THR A 56 -1.97 1.66 4.45
N SER A 57 -2.03 1.34 3.19
CA SER A 57 -3.26 0.82 2.60
C SER A 57 -3.37 -0.69 2.77
N THR A 58 -4.60 -1.17 2.82
CA THR A 58 -4.93 -2.56 2.76
C THR A 58 -6.41 -2.68 2.40
N PHE A 59 -6.89 -3.87 2.24
CA PHE A 59 -8.27 -4.06 1.89
C PHE A 59 -8.92 -5.19 2.71
N THR A 60 -8.29 -6.34 2.75
CA THR A 60 -8.83 -7.49 3.42
C THR A 60 -8.75 -7.34 4.95
N ASN A 61 -7.75 -6.62 5.38
CA ASN A 61 -7.57 -6.32 6.77
C ASN A 61 -7.40 -4.84 6.95
N ILE A 62 -7.99 -4.31 7.96
CA ILE A 62 -7.90 -2.88 8.22
C ILE A 62 -6.99 -2.62 9.41
N THR A 63 -6.66 -3.65 10.10
CA THR A 63 -5.79 -3.53 11.21
C THR A 63 -4.33 -3.63 10.77
N TYR A 64 -3.86 -2.58 10.17
CA TYR A 64 -2.48 -2.51 9.73
C TYR A 64 -1.55 -2.09 10.89
N ARG A 65 -1.57 -0.83 11.25
CA ARG A 65 -0.82 -0.38 12.40
C ARG A 65 -1.74 0.19 13.46
N GLY A 66 -2.92 0.56 13.04
CA GLY A 66 -3.90 1.10 13.95
C GLY A 66 -3.79 2.60 14.07
N THR A 67 -4.30 3.28 13.08
CA THR A 67 -4.31 4.73 13.07
C THR A 67 -5.69 5.27 12.76
N LYS A 21 12.11 -0.90 -9.31
CA LYS A 21 12.09 0.53 -9.03
C LYS A 21 11.91 0.78 -7.55
N LEU A 22 10.78 0.38 -7.04
CA LEU A 22 10.48 0.55 -5.66
C LEU A 22 10.81 -0.73 -4.90
N LEU A 23 10.01 -1.76 -5.09
CA LEU A 23 10.36 -3.09 -4.59
C LEU A 23 10.18 -4.13 -5.66
N ILE A 24 8.96 -4.33 -6.09
CA ILE A 24 8.66 -5.37 -7.06
C ILE A 24 8.26 -4.77 -8.41
N THR A 25 7.75 -3.56 -8.36
CA THR A 25 7.32 -2.81 -9.53
C THR A 25 6.12 -3.53 -10.24
N ILE A 26 5.27 -4.19 -9.43
CA ILE A 26 4.09 -4.86 -9.96
C ILE A 26 2.87 -4.52 -9.14
N HIS A 27 3.02 -4.49 -7.84
CA HIS A 27 1.91 -4.11 -6.96
C HIS A 27 2.15 -2.74 -6.41
N ASP A 28 3.36 -2.29 -6.62
CA ASP A 28 3.89 -1.02 -6.10
C ASP A 28 3.03 0.17 -6.52
N ARG A 29 2.23 -0.02 -7.51
CA ARG A 29 1.35 0.98 -8.00
C ARG A 29 -0.09 0.44 -8.11
N LYS A 30 -0.23 -0.84 -8.10
CA LYS A 30 -1.51 -1.44 -8.46
C LYS A 30 -2.43 -1.57 -7.27
N GLU A 31 -1.88 -1.62 -6.11
CA GLU A 31 -2.66 -1.72 -4.91
C GLU A 31 -3.35 -0.41 -4.58
N PHE A 32 -3.00 0.60 -5.30
CA PHE A 32 -3.66 1.89 -5.20
C PHE A 32 -4.85 1.94 -6.17
N ALA A 33 -5.14 0.86 -6.79
CA ALA A 33 -6.27 0.77 -7.70
C ALA A 33 -7.42 0.02 -7.06
N LYS A 34 -7.11 -1.07 -6.41
CA LYS A 34 -8.15 -1.89 -5.78
C LYS A 34 -8.03 -1.87 -4.28
N PHE A 35 -6.80 -1.62 -3.79
CA PHE A 35 -6.50 -1.54 -2.36
C PHE A 35 -6.83 -2.87 -1.68
N GLU A 36 -6.81 -3.92 -2.47
CA GLU A 36 -7.17 -5.25 -1.99
C GLU A 36 -5.99 -6.19 -2.05
N GLU A 37 -4.88 -5.69 -2.43
CA GLU A 37 -3.67 -6.50 -2.51
C GLU A 37 -2.62 -6.05 -1.49
N GLU A 38 -1.78 -5.04 -1.85
CA GLU A 38 -0.83 -4.46 -0.91
C GLU A 38 0.19 -5.44 -0.41
N ARG A 39 1.26 -5.49 -1.09
CA ARG A 39 2.38 -6.31 -0.70
C ARG A 39 3.12 -5.68 0.43
N ALA A 40 3.41 -4.43 0.28
CA ALA A 40 4.08 -3.69 1.29
C ALA A 40 3.12 -2.68 1.92
N ARG A 41 1.85 -2.75 1.48
CA ARG A 41 0.77 -1.90 1.99
C ARG A 41 1.06 -0.44 1.78
N ALA A 42 0.98 0.00 0.53
CA ALA A 42 1.19 1.41 0.15
C ALA A 42 2.52 1.94 0.70
N LYS A 43 3.48 1.05 0.83
CA LYS A 43 4.80 1.39 1.38
C LYS A 43 5.48 2.45 0.56
N TRP A 44 5.66 2.14 -0.69
CA TRP A 44 6.29 3.03 -1.63
C TRP A 44 5.44 4.26 -1.83
N ASP A 45 4.11 4.03 -2.05
CA ASP A 45 3.07 5.14 -2.15
C ASP A 45 3.47 6.21 -3.19
N THR A 46 4.27 5.79 -4.17
CA THR A 46 4.85 6.68 -5.19
C THR A 46 3.78 7.44 -5.99
N ALA A 47 2.60 6.87 -6.10
CA ALA A 47 1.51 7.46 -6.89
C ALA A 47 0.77 8.51 -6.10
N ASN A 48 1.28 8.83 -4.94
CA ASN A 48 0.64 9.77 -4.08
C ASN A 48 1.62 10.86 -3.71
N ASN A 49 2.72 10.46 -3.15
CA ASN A 49 3.76 11.37 -2.73
C ASN A 49 5.17 10.67 -2.93
N PRO A 50 6.34 11.31 -2.47
CA PRO A 50 7.68 10.75 -2.74
C PRO A 50 7.88 9.42 -2.07
N LEU A 51 7.59 9.39 -0.81
CA LEU A 51 7.64 8.18 -0.06
C LEU A 51 6.31 7.93 0.62
N PTR A 52 6.15 8.52 1.77
CA PTR A 52 4.95 8.42 2.56
C PTR A 52 4.99 9.37 3.70
O PTR A 52 5.31 9.04 4.83
CB PTR A 52 4.60 6.97 3.00
CG PTR A 52 5.72 6.17 3.66
CD1 PTR A 52 5.62 5.75 4.97
CD2 PTR A 52 6.84 5.82 2.95
CE1 PTR A 52 6.62 5.00 5.54
CE2 PTR A 52 7.83 5.09 3.50
CZ PTR A 52 7.73 4.68 4.79
OH PTR A 52 8.73 3.89 5.34
P PTR A 52 9.12 2.47 4.75
O1P PTR A 52 7.97 1.51 5.01
O2P PTR A 52 9.26 2.62 3.22
O3P PTR A 52 10.36 2.18 5.43
H PTR A 52 6.87 9.07 2.13
HA PTR A 52 4.17 8.77 1.90
HB2 PTR A 52 3.78 7.06 3.69
HB3 PTR A 52 4.24 6.43 2.13
HD1 PTR A 52 4.76 6.03 5.54
HD2 PTR A 52 6.93 6.14 1.92
HE1 PTR A 52 6.54 4.68 6.57
HE2 PTR A 52 8.70 4.83 2.92
N LYS A 53 4.71 10.57 3.36
CA LYS A 53 4.76 11.67 4.27
C LYS A 53 3.40 12.00 4.77
N GLU A 54 2.41 11.44 4.13
CA GLU A 54 1.06 11.71 4.45
C GLU A 54 0.49 10.60 5.31
N ALA A 55 0.24 9.47 4.71
CA ALA A 55 -0.31 8.33 5.39
C ALA A 55 -0.19 7.12 4.52
N THR A 56 0.09 6.03 5.12
CA THR A 56 0.19 4.80 4.43
C THR A 56 -1.13 4.04 4.48
N SER A 57 -1.42 3.30 3.44
CA SER A 57 -2.68 2.63 3.33
C SER A 57 -2.54 1.16 3.64
N THR A 58 -3.61 0.58 4.12
CA THR A 58 -3.67 -0.82 4.40
C THR A 58 -5.07 -1.19 4.87
N PHE A 59 -5.55 -2.30 4.40
CA PHE A 59 -6.86 -2.79 4.79
C PHE A 59 -6.74 -3.86 5.86
N THR A 60 -5.63 -4.55 5.86
CA THR A 60 -5.41 -5.65 6.80
C THR A 60 -5.15 -5.14 8.23
N ASN A 61 -4.95 -3.85 8.34
CA ASN A 61 -4.75 -3.18 9.64
C ASN A 61 -5.86 -3.52 10.64
N ILE A 62 -7.05 -3.45 10.20
CA ILE A 62 -8.20 -3.71 11.03
C ILE A 62 -8.59 -5.17 11.03
N THR A 63 -7.89 -5.95 10.28
CA THR A 63 -8.11 -7.37 10.20
C THR A 63 -7.17 -8.12 11.20
N TYR A 64 -6.94 -7.50 12.35
CA TYR A 64 -6.12 -8.07 13.42
C TYR A 64 -6.51 -9.52 13.72
N ARG A 65 -7.71 -9.71 14.16
CA ARG A 65 -8.23 -11.02 14.44
C ARG A 65 -9.49 -11.25 13.65
N GLY A 66 -10.46 -10.46 13.96
CA GLY A 66 -11.74 -10.53 13.34
C GLY A 66 -12.76 -9.96 14.24
N THR A 67 -12.51 -8.76 14.67
CA THR A 67 -13.29 -8.13 15.67
C THR A 67 -14.16 -7.03 15.06
N LYS A 21 8.22 2.16 -10.43
CA LYS A 21 9.61 2.16 -10.87
C LYS A 21 10.58 1.81 -9.73
N LEU A 22 10.07 1.76 -8.52
CA LEU A 22 10.90 1.46 -7.36
C LEU A 22 11.26 -0.02 -7.31
N LEU A 23 10.33 -0.84 -6.86
CA LEU A 23 10.60 -2.24 -6.71
C LEU A 23 9.77 -3.10 -7.65
N ILE A 24 8.50 -3.25 -7.35
CA ILE A 24 7.69 -4.16 -8.10
C ILE A 24 6.89 -3.47 -9.21
N THR A 25 6.25 -2.34 -8.88
CA THR A 25 5.40 -1.61 -9.85
C THR A 25 4.27 -2.55 -10.40
N ILE A 26 3.92 -3.58 -9.63
CA ILE A 26 2.90 -4.55 -10.02
C ILE A 26 1.82 -4.64 -8.96
N HIS A 27 2.24 -4.70 -7.73
CA HIS A 27 1.32 -4.60 -6.62
C HIS A 27 1.44 -3.27 -6.04
N ASP A 28 2.38 -2.52 -6.60
CA ASP A 28 2.74 -1.19 -6.14
C ASP A 28 1.53 -0.36 -5.97
N ARG A 29 0.71 -0.34 -6.98
CA ARG A 29 -0.43 0.46 -7.03
C ARG A 29 -1.66 -0.31 -6.60
N LYS A 30 -1.56 -1.62 -6.63
CA LYS A 30 -2.73 -2.43 -6.41
C LYS A 30 -3.04 -2.57 -4.96
N GLU A 31 -2.04 -2.41 -4.12
CA GLU A 31 -2.27 -2.43 -2.70
C GLU A 31 -2.91 -1.16 -2.23
N PHE A 32 -2.93 -0.20 -3.10
CA PHE A 32 -3.71 1.03 -2.88
C PHE A 32 -5.06 0.92 -3.57
N ALA A 33 -5.32 -0.20 -4.14
CA ALA A 33 -6.57 -0.40 -4.83
C ALA A 33 -7.46 -1.32 -4.05
N LYS A 34 -7.00 -2.51 -3.81
CA LYS A 34 -7.76 -3.48 -3.07
C LYS A 34 -7.36 -3.50 -1.61
N PHE A 35 -6.08 -3.16 -1.36
CA PHE A 35 -5.49 -3.16 -0.01
C PHE A 35 -5.61 -4.53 0.58
N GLU A 36 -5.19 -5.47 -0.16
CA GLU A 36 -5.21 -6.86 0.28
C GLU A 36 -3.86 -7.54 0.04
N GLU A 37 -3.03 -6.89 -0.70
CA GLU A 37 -1.73 -7.44 -1.04
C GLU A 37 -0.60 -6.89 -0.15
N GLU A 38 0.00 -5.76 -0.56
CA GLU A 38 1.10 -5.11 0.15
C GLU A 38 2.30 -5.98 0.27
N ARG A 39 3.12 -5.90 -0.70
CA ARG A 39 4.40 -6.58 -0.68
C ARG A 39 5.36 -5.84 0.21
N ALA A 40 5.32 -4.54 0.15
CA ALA A 40 6.15 -3.73 0.99
C ALA A 40 5.30 -2.81 1.85
N ARG A 41 3.98 -2.95 1.71
CA ARG A 41 3.02 -2.23 2.55
C ARG A 41 3.05 -0.73 2.27
N ALA A 42 2.63 -0.36 1.07
CA ALA A 42 2.52 1.06 0.65
C ALA A 42 3.87 1.77 0.68
N LYS A 43 4.90 1.00 0.74
CA LYS A 43 6.28 1.49 0.88
C LYS A 43 6.65 2.54 -0.16
N TRP A 44 6.67 2.14 -1.40
CA TRP A 44 7.13 2.97 -2.49
C TRP A 44 6.16 4.08 -2.75
N ASP A 45 4.87 3.71 -2.92
CA ASP A 45 3.80 4.64 -3.33
C ASP A 45 3.97 5.01 -4.79
N THR A 46 3.06 4.58 -5.59
CA THR A 46 3.19 4.69 -7.01
C THR A 46 2.73 6.05 -7.56
N ALA A 47 1.70 6.63 -6.93
CA ALA A 47 1.07 7.82 -7.52
C ALA A 47 0.27 8.63 -6.49
N ASN A 48 0.64 8.57 -5.28
CA ASN A 48 -0.06 9.33 -4.26
C ASN A 48 0.87 10.41 -3.74
N ASN A 49 2.04 9.99 -3.36
CA ASN A 49 3.07 10.85 -2.86
C ASN A 49 4.46 10.13 -3.00
N PRO A 50 5.60 10.79 -2.67
CA PRO A 50 6.93 10.20 -2.92
C PRO A 50 7.26 9.05 -1.97
N LEU A 51 6.90 9.21 -0.73
CA LEU A 51 7.11 8.20 0.27
C LEU A 51 5.91 8.09 1.18
N PTR A 52 5.85 8.97 2.17
CA PTR A 52 4.75 9.06 3.10
C PTR A 52 4.99 10.15 4.15
O PTR A 52 5.56 9.90 5.19
CB PTR A 52 4.35 7.69 3.75
CG PTR A 52 5.49 6.88 4.43
CD1 PTR A 52 5.83 7.09 5.76
CD2 PTR A 52 6.18 5.88 3.73
CE1 PTR A 52 6.80 6.34 6.38
CE2 PTR A 52 7.17 5.14 4.34
CZ PTR A 52 7.48 5.37 5.67
OH PTR A 52 8.47 4.59 6.33
P PTR A 52 9.96 4.48 5.89
O1P PTR A 52 10.04 4.52 4.38
O2P PTR A 52 10.72 5.72 6.43
O3P PTR A 52 10.33 3.22 6.51
H PTR A 52 6.56 9.63 2.30
HA PTR A 52 3.92 9.41 2.50
HB2 PTR A 52 3.61 7.93 4.49
HB3 PTR A 52 3.89 7.08 2.99
HD1 PTR A 52 5.30 7.85 6.31
HD2 PTR A 52 5.93 5.70 2.70
HE1 PTR A 52 7.05 6.52 7.42
HE2 PTR A 52 7.70 4.38 3.79
N LYS A 53 4.58 11.34 3.85
CA LYS A 53 4.67 12.45 4.80
C LYS A 53 3.43 12.52 5.67
N GLU A 54 2.40 11.84 5.25
CA GLU A 54 1.15 11.84 5.95
C GLU A 54 0.90 10.51 6.63
N ALA A 55 0.53 9.52 5.85
CA ALA A 55 0.21 8.22 6.39
C ALA A 55 0.38 7.15 5.35
N THR A 56 1.09 6.12 5.69
CA THR A 56 1.26 4.97 4.83
C THR A 56 -0.05 4.13 4.84
N SER A 57 -0.15 3.15 3.97
CA SER A 57 -1.35 2.32 3.92
C SER A 57 -1.05 0.93 4.39
N THR A 58 -2.06 0.28 4.92
CA THR A 58 -1.98 -1.11 5.25
C THR A 58 -3.30 -1.63 5.77
N PHE A 59 -3.71 -2.74 5.26
CA PHE A 59 -4.96 -3.36 5.65
C PHE A 59 -4.78 -4.19 6.87
N THR A 60 -3.55 -4.50 7.20
CA THR A 60 -3.21 -5.40 8.31
C THR A 60 -3.94 -5.03 9.62
N ASN A 61 -3.92 -3.77 9.96
CA ASN A 61 -4.58 -3.25 11.19
C ASN A 61 -6.08 -3.12 10.95
N ILE A 62 -6.43 -2.96 9.71
CA ILE A 62 -7.84 -2.83 9.29
C ILE A 62 -8.47 -4.21 9.27
N THR A 63 -7.64 -5.20 9.42
CA THR A 63 -8.10 -6.58 9.51
C THR A 63 -8.60 -6.88 10.96
N TYR A 64 -9.10 -5.84 11.63
CA TYR A 64 -9.68 -5.95 12.96
C TYR A 64 -10.71 -7.08 13.02
N ARG A 65 -11.60 -7.05 12.08
CA ARG A 65 -12.56 -8.09 11.91
C ARG A 65 -12.35 -8.71 10.57
N GLY A 66 -12.59 -7.93 9.54
CA GLY A 66 -12.40 -8.38 8.21
C GLY A 66 -13.68 -8.82 7.61
N THR A 67 -14.73 -8.08 7.86
CA THR A 67 -16.01 -8.43 7.41
C THR A 67 -16.71 -7.21 6.73
N LYS A 21 11.33 1.35 -9.83
CA LYS A 21 11.14 2.53 -9.01
C LYS A 21 11.29 2.21 -7.55
N LEU A 22 10.22 1.74 -6.93
CA LEU A 22 10.23 1.44 -5.55
C LEU A 22 10.85 0.06 -5.31
N LEU A 23 10.08 -0.99 -5.57
CA LEU A 23 10.59 -2.33 -5.45
C LEU A 23 10.36 -3.14 -6.70
N ILE A 24 9.12 -3.31 -7.06
CA ILE A 24 8.78 -4.17 -8.18
C ILE A 24 8.26 -3.38 -9.37
N THR A 25 7.73 -2.22 -9.09
CA THR A 25 7.21 -1.30 -10.11
C THR A 25 6.03 -1.97 -10.90
N ILE A 26 5.26 -2.80 -10.21
CA ILE A 26 4.12 -3.45 -10.83
C ILE A 26 2.90 -3.39 -9.95
N HIS A 27 3.08 -3.64 -8.68
CA HIS A 27 1.97 -3.57 -7.74
C HIS A 27 2.15 -2.47 -6.78
N ASP A 28 3.29 -1.85 -6.87
CA ASP A 28 3.73 -0.74 -6.02
C ASP A 28 2.74 0.43 -6.10
N ARG A 29 1.94 0.41 -7.10
CA ARG A 29 0.91 1.41 -7.31
C ARG A 29 -0.47 0.73 -7.47
N LYS A 30 -0.48 -0.50 -7.90
CA LYS A 30 -1.73 -1.16 -8.31
C LYS A 30 -2.59 -1.58 -7.14
N GLU A 31 -1.99 -1.77 -6.02
CA GLU A 31 -2.73 -2.14 -4.82
C GLU A 31 -3.49 -0.98 -4.25
N PHE A 32 -3.29 0.13 -4.85
CA PHE A 32 -4.04 1.32 -4.52
C PHE A 32 -5.13 1.55 -5.54
N ALA A 33 -5.30 0.61 -6.41
CA ALA A 33 -6.34 0.66 -7.39
C ALA A 33 -7.35 -0.44 -7.14
N LYS A 34 -6.84 -1.65 -6.93
CA LYS A 34 -7.72 -2.78 -6.65
C LYS A 34 -7.74 -3.13 -5.15
N PHE A 35 -6.60 -2.87 -4.46
CA PHE A 35 -6.46 -3.11 -3.00
C PHE A 35 -6.62 -4.58 -2.66
N GLU A 36 -6.36 -5.41 -3.62
CA GLU A 36 -6.49 -6.85 -3.43
C GLU A 36 -5.15 -7.55 -3.51
N GLU A 37 -4.19 -6.87 -4.02
CA GLU A 37 -2.88 -7.44 -4.20
C GLU A 37 -1.96 -7.23 -2.98
N GLU A 38 -1.23 -6.11 -2.95
CA GLU A 38 -0.33 -5.78 -1.86
C GLU A 38 0.78 -6.76 -1.70
N ARG A 39 1.81 -6.54 -2.41
CA ARG A 39 3.02 -7.33 -2.29
C ARG A 39 3.77 -6.96 -1.02
N ALA A 40 3.94 -5.69 -0.82
CA ALA A 40 4.59 -5.20 0.37
C ALA A 40 3.60 -4.45 1.23
N ARG A 41 2.31 -4.62 0.89
CA ARG A 41 1.20 -4.03 1.62
C ARG A 41 1.31 -2.53 1.72
N ALA A 42 1.20 -1.87 0.57
CA ALA A 42 1.25 -0.39 0.48
C ALA A 42 2.52 0.18 1.10
N LYS A 43 3.53 -0.62 1.15
CA LYS A 43 4.83 -0.21 1.73
C LYS A 43 5.34 1.09 1.12
N TRP A 44 5.42 1.12 -0.16
CA TRP A 44 5.88 2.26 -0.88
C TRP A 44 4.84 3.35 -0.82
N ASP A 45 3.56 2.93 -0.95
CA ASP A 45 2.39 3.84 -0.87
C ASP A 45 2.51 4.97 -1.89
N THR A 46 3.10 4.61 -3.02
CA THR A 46 3.47 5.53 -4.10
C THR A 46 2.33 6.52 -4.50
N ALA A 47 1.10 6.07 -4.36
CA ALA A 47 -0.04 6.84 -4.85
C ALA A 47 -0.59 7.80 -3.81
N ASN A 48 -0.14 7.70 -2.59
CA ASN A 48 -0.78 8.44 -1.52
C ASN A 48 0.19 9.37 -0.85
N ASN A 49 1.07 8.82 -0.03
CA ASN A 49 2.04 9.61 0.69
C ASN A 49 3.48 9.00 0.53
N PRO A 50 4.54 9.62 1.17
CA PRO A 50 5.95 9.16 1.01
C PRO A 50 6.16 7.73 1.51
N LEU A 51 5.83 7.49 2.75
CA LEU A 51 5.95 6.18 3.32
C LEU A 51 4.62 5.69 3.79
N PTR A 52 4.07 6.34 4.87
CA PTR A 52 2.72 6.07 5.38
C PTR A 52 2.43 6.80 6.70
O PTR A 52 2.46 6.21 7.77
CB PTR A 52 2.41 4.57 5.47
CG PTR A 52 3.28 3.75 6.46
CD1 PTR A 52 4.65 3.62 6.26
CD2 PTR A 52 2.72 3.12 7.56
CE1 PTR A 52 5.42 2.88 7.11
CE2 PTR A 52 3.49 2.39 8.42
CZ PTR A 52 4.84 2.26 8.20
OH PTR A 52 5.63 1.51 9.06
P PTR A 52 6.34 0.19 8.67
O1P PTR A 52 6.07 -0.11 7.19
O2P PTR A 52 5.69 -0.94 9.48
O3P PTR A 52 7.70 0.48 9.03
H PTR A 52 4.58 7.03 5.33
HA PTR A 52 2.06 6.50 4.64
HB2 PTR A 52 1.37 4.54 5.72
HB3 PTR A 52 2.52 4.18 4.47
HD1 PTR A 52 5.10 4.10 5.41
HD2 PTR A 52 1.65 3.21 7.74
HE1 PTR A 52 6.48 2.78 6.94
HE2 PTR A 52 3.04 1.90 9.28
N LYS A 53 2.16 8.07 6.61
CA LYS A 53 1.76 8.81 7.80
C LYS A 53 0.25 8.97 7.85
N GLU A 54 -0.36 8.87 6.69
CA GLU A 54 -1.79 9.05 6.58
C GLU A 54 -2.50 7.73 6.72
N ALA A 55 -2.23 6.83 5.82
CA ALA A 55 -2.86 5.58 5.79
C ALA A 55 -1.96 4.57 5.16
N THR A 56 -2.44 3.40 5.05
CA THR A 56 -1.73 2.34 4.39
C THR A 56 -2.74 1.33 3.89
N SER A 57 -2.41 0.60 2.88
CA SER A 57 -3.34 -0.36 2.34
C SER A 57 -3.08 -1.72 2.89
N THR A 58 -4.14 -2.31 3.36
CA THR A 58 -4.16 -3.65 3.89
C THR A 58 -5.60 -4.05 4.16
N PHE A 59 -5.90 -5.28 3.97
CA PHE A 59 -7.26 -5.76 4.07
C PHE A 59 -7.34 -7.07 4.84
N THR A 60 -6.40 -7.97 4.58
CA THR A 60 -6.39 -9.25 5.28
C THR A 60 -5.95 -9.03 6.74
N ASN A 61 -5.36 -7.91 6.96
CA ASN A 61 -5.03 -7.46 8.25
C ASN A 61 -5.48 -6.03 8.39
N ILE A 62 -6.04 -5.71 9.49
CA ILE A 62 -6.63 -4.40 9.67
C ILE A 62 -6.20 -3.73 10.96
N THR A 63 -5.33 -4.36 11.67
CA THR A 63 -4.78 -3.79 12.85
C THR A 63 -3.39 -3.24 12.59
N TYR A 64 -3.37 -2.08 12.03
CA TYR A 64 -2.17 -1.41 11.67
C TYR A 64 -2.23 0.07 12.04
N ARG A 65 -3.24 0.74 11.54
CA ARG A 65 -3.48 2.14 11.85
C ARG A 65 -4.92 2.30 12.22
N GLY A 66 -5.76 1.75 11.41
CA GLY A 66 -7.18 1.87 11.60
C GLY A 66 -7.78 2.78 10.60
N THR A 67 -7.31 2.69 9.40
CA THR A 67 -7.71 3.56 8.35
C THR A 67 -8.77 2.90 7.49
N LYS A 21 6.79 3.34 -6.60
CA LYS A 21 8.05 3.69 -7.25
C LYS A 21 9.25 3.45 -6.35
N LEU A 22 9.05 2.71 -5.30
CA LEU A 22 10.12 2.42 -4.38
C LEU A 22 10.80 1.13 -4.71
N LEU A 23 10.07 0.04 -4.61
CA LEU A 23 10.68 -1.25 -4.78
C LEU A 23 10.55 -1.75 -6.20
N ILE A 24 9.35 -2.13 -6.60
CA ILE A 24 9.17 -2.76 -7.89
C ILE A 24 8.45 -1.85 -8.88
N THR A 25 7.60 -0.97 -8.35
CA THR A 25 6.89 0.02 -9.17
C THR A 25 5.85 -0.68 -10.10
N ILE A 26 5.39 -1.85 -9.69
CA ILE A 26 4.36 -2.54 -10.42
C ILE A 26 3.20 -2.77 -9.53
N HIS A 27 3.46 -3.05 -8.28
CA HIS A 27 2.40 -3.20 -7.30
C HIS A 27 2.37 -2.05 -6.38
N ASP A 28 3.36 -1.19 -6.51
CA ASP A 28 3.50 0.02 -5.69
C ASP A 28 2.23 0.85 -5.72
N ARG A 29 1.51 0.75 -6.81
CA ARG A 29 0.27 1.40 -6.97
C ARG A 29 -0.89 0.42 -7.03
N LYS A 30 -0.61 -0.79 -7.47
CA LYS A 30 -1.71 -1.69 -7.85
C LYS A 30 -2.48 -2.21 -6.67
N GLU A 31 -1.88 -2.13 -5.50
CA GLU A 31 -2.59 -2.45 -4.23
C GLU A 31 -3.83 -1.59 -4.16
N PHE A 32 -3.66 -0.36 -4.55
CA PHE A 32 -4.70 0.63 -4.46
C PHE A 32 -5.59 0.59 -5.68
N ALA A 33 -5.38 -0.37 -6.50
CA ALA A 33 -6.16 -0.54 -7.68
C ALA A 33 -7.23 -1.60 -7.47
N LYS A 34 -6.85 -2.73 -6.90
CA LYS A 34 -7.81 -3.81 -6.67
C LYS A 34 -7.93 -4.14 -5.21
N PHE A 35 -6.85 -3.90 -4.48
CA PHE A 35 -6.78 -4.19 -3.05
C PHE A 35 -6.92 -5.67 -2.84
N GLU A 36 -6.35 -6.41 -3.75
CA GLU A 36 -6.39 -7.87 -3.73
C GLU A 36 -4.98 -8.45 -3.79
N GLU A 37 -4.05 -7.64 -4.14
CA GLU A 37 -2.68 -8.08 -4.33
C GLU A 37 -1.80 -7.91 -3.09
N GLU A 38 -1.10 -6.75 -2.97
CA GLU A 38 -0.14 -6.48 -1.88
C GLU A 38 1.06 -7.39 -1.94
N ARG A 39 2.10 -6.91 -2.47
CA ARG A 39 3.39 -7.59 -2.38
C ARG A 39 4.10 -7.14 -1.13
N ALA A 40 4.17 -5.84 -0.93
CA ALA A 40 4.70 -5.27 0.29
C ALA A 40 3.57 -4.70 1.12
N ARG A 41 2.34 -4.85 0.59
CA ARG A 41 1.11 -4.50 1.29
C ARG A 41 0.96 -3.01 1.45
N ALA A 42 0.86 -2.32 0.31
CA ALA A 42 0.72 -0.83 0.25
C ALA A 42 1.84 -0.13 1.02
N LYS A 43 2.92 -0.85 1.23
CA LYS A 43 4.11 -0.35 1.97
C LYS A 43 4.59 1.01 1.45
N TRP A 44 4.87 1.06 0.16
CA TRP A 44 5.41 2.24 -0.48
C TRP A 44 4.39 3.33 -0.54
N ASP A 45 3.13 2.92 -0.65
CA ASP A 45 1.96 3.84 -0.60
C ASP A 45 2.10 4.93 -1.68
N THR A 46 2.64 4.51 -2.83
CA THR A 46 2.99 5.40 -3.95
C THR A 46 1.76 6.15 -4.52
N ALA A 47 0.60 5.66 -4.24
CA ALA A 47 -0.62 6.29 -4.69
C ALA A 47 -0.91 7.56 -3.91
N ASN A 48 -0.17 7.77 -2.87
CA ASN A 48 -0.46 8.80 -1.93
C ASN A 48 0.74 9.67 -1.67
N ASN A 49 1.80 9.06 -1.19
CA ASN A 49 3.00 9.77 -0.76
C ASN A 49 4.30 8.89 -1.02
N PRO A 50 5.56 9.38 -0.58
CA PRO A 50 6.83 8.69 -0.87
C PRO A 50 6.96 7.36 -0.12
N LEU A 51 6.66 7.38 1.15
CA LEU A 51 6.70 6.17 1.93
C LEU A 51 5.38 5.93 2.62
N PTR A 52 5.15 6.63 3.73
CA PTR A 52 3.91 6.58 4.48
C PTR A 52 4.01 7.29 5.80
O PTR A 52 4.29 6.70 6.82
CB PTR A 52 3.31 5.14 4.64
CG PTR A 52 4.13 4.13 5.46
CD1 PTR A 52 3.70 3.71 6.72
CD2 PTR A 52 5.31 3.59 4.97
CE1 PTR A 52 4.41 2.79 7.45
CE2 PTR A 52 6.03 2.66 5.69
CZ PTR A 52 5.57 2.27 6.93
OH PTR A 52 6.29 1.32 7.67
P PTR A 52 7.38 1.68 8.75
O1P PTR A 52 7.59 0.45 9.61
O2P PTR A 52 6.82 2.79 9.67
O3P PTR A 52 8.47 2.07 7.92
H PTR A 52 5.83 7.26 4.06
HA PTR A 52 3.21 7.17 3.90
HB2 PTR A 52 2.38 5.30 5.14
HB3 PTR A 52 3.11 4.74 3.66
HD1 PTR A 52 2.78 4.12 7.12
HD2 PTR A 52 5.66 3.90 3.99
HE1 PTR A 52 4.05 2.48 8.42
HE2 PTR A 52 6.93 2.24 5.30
N LYS A 53 3.81 8.57 5.78
CA LYS A 53 3.77 9.33 7.00
C LYS A 53 2.36 9.33 7.57
N GLU A 54 1.42 8.95 6.74
CA GLU A 54 0.03 8.96 7.12
C GLU A 54 -0.44 7.59 7.54
N ALA A 55 -0.69 6.72 6.57
CA ALA A 55 -1.28 5.44 6.82
C ALA A 55 -1.21 4.57 5.60
N THR A 56 -0.87 3.33 5.80
CA THR A 56 -0.85 2.37 4.76
C THR A 56 -2.23 1.69 4.64
N SER A 57 -2.39 0.87 3.63
CA SER A 57 -3.61 0.14 3.43
C SER A 57 -3.35 -1.33 3.39
N THR A 58 -4.26 -2.09 3.92
CA THR A 58 -4.16 -3.52 3.91
C THR A 58 -5.53 -4.14 4.00
N PHE A 59 -5.78 -5.10 3.17
CA PHE A 59 -7.04 -5.80 3.17
C PHE A 59 -6.86 -7.14 3.84
N THR A 60 -5.63 -7.61 3.83
CA THR A 60 -5.28 -8.87 4.40
C THR A 60 -5.52 -8.87 5.91
N ASN A 61 -5.46 -7.70 6.47
CA ASN A 61 -5.77 -7.49 7.84
C ASN A 61 -6.59 -6.26 7.95
N ILE A 62 -7.49 -6.24 8.86
CA ILE A 62 -8.37 -5.14 9.04
C ILE A 62 -7.98 -4.37 10.30
N THR A 63 -6.95 -4.83 10.92
CA THR A 63 -6.47 -4.24 12.13
C THR A 63 -5.02 -3.88 11.97
N TYR A 64 -4.80 -2.70 11.64
CA TYR A 64 -3.50 -2.20 11.38
C TYR A 64 -3.22 -0.93 12.19
N ARG A 65 -3.68 0.18 11.71
CA ARG A 65 -3.46 1.45 12.38
C ARG A 65 -4.75 2.23 12.52
N GLY A 66 -5.68 1.95 11.67
CA GLY A 66 -6.89 2.73 11.60
C GLY A 66 -6.80 3.76 10.53
N THR A 67 -6.92 3.34 9.32
CA THR A 67 -6.75 4.18 8.19
C THR A 67 -8.09 4.75 7.73
N LYS A 21 8.46 1.89 -7.70
CA LYS A 21 9.78 2.53 -7.67
C LYS A 21 10.63 2.03 -6.51
N LEU A 22 10.00 1.71 -5.38
CA LEU A 22 10.71 1.23 -4.21
C LEU A 22 11.29 -0.16 -4.43
N LEU A 23 10.44 -1.15 -4.56
CA LEU A 23 10.90 -2.53 -4.67
C LEU A 23 10.43 -3.19 -5.95
N ILE A 24 9.13 -3.24 -6.13
CA ILE A 24 8.57 -4.02 -7.19
C ILE A 24 8.21 -3.19 -8.42
N THR A 25 7.59 -2.02 -8.20
CA THR A 25 7.16 -1.14 -9.32
C THR A 25 6.13 -1.90 -10.25
N ILE A 26 5.30 -2.74 -9.63
CA ILE A 26 4.34 -3.55 -10.36
C ILE A 26 3.02 -3.65 -9.60
N HIS A 27 3.10 -3.98 -8.33
CA HIS A 27 1.90 -4.13 -7.50
C HIS A 27 1.97 -3.19 -6.36
N ASP A 28 2.66 -2.14 -6.57
CA ASP A 28 2.88 -1.09 -5.57
C ASP A 28 2.15 0.16 -5.91
N ARG A 29 1.47 0.10 -6.97
CA ARG A 29 0.65 1.19 -7.43
C ARG A 29 -0.73 0.70 -7.75
N LYS A 30 -0.82 -0.48 -8.36
CA LYS A 30 -2.10 -1.02 -8.73
C LYS A 30 -2.80 -1.56 -7.52
N GLU A 31 -2.06 -1.64 -6.45
CA GLU A 31 -2.60 -1.99 -5.20
C GLU A 31 -3.62 -0.94 -4.76
N PHE A 32 -3.43 0.27 -5.23
CA PHE A 32 -4.34 1.35 -4.96
C PHE A 32 -5.42 1.43 -6.02
N ALA A 33 -5.47 0.44 -6.83
CA ALA A 33 -6.48 0.36 -7.86
C ALA A 33 -7.45 -0.77 -7.58
N LYS A 34 -6.91 -1.93 -7.23
CA LYS A 34 -7.76 -3.10 -6.93
C LYS A 34 -7.81 -3.37 -5.45
N PHE A 35 -6.69 -3.05 -4.75
CA PHE A 35 -6.55 -3.30 -3.30
C PHE A 35 -6.70 -4.79 -2.99
N GLU A 36 -6.26 -5.59 -3.92
CA GLU A 36 -6.34 -7.04 -3.80
C GLU A 36 -4.95 -7.66 -3.93
N GLU A 37 -4.01 -6.87 -4.30
CA GLU A 37 -2.65 -7.34 -4.49
C GLU A 37 -1.79 -7.02 -3.27
N GLU A 38 -1.07 -5.87 -3.31
CA GLU A 38 -0.32 -5.37 -2.16
C GLU A 38 0.60 -6.44 -1.54
N ARG A 39 1.75 -6.61 -2.10
CA ARG A 39 2.76 -7.52 -1.52
C ARG A 39 3.14 -7.11 -0.11
N ALA A 40 3.23 -5.83 0.11
CA ALA A 40 3.55 -5.33 1.42
C ALA A 40 2.44 -4.42 1.94
N ARG A 41 1.28 -4.48 1.26
CA ARG A 41 0.11 -3.69 1.59
C ARG A 41 0.39 -2.19 1.68
N ALA A 42 0.48 -1.55 0.51
CA ALA A 42 0.64 -0.08 0.39
C ALA A 42 1.86 0.44 1.16
N LYS A 43 2.80 -0.46 1.43
CA LYS A 43 3.99 -0.15 2.24
C LYS A 43 4.79 0.99 1.64
N TRP A 44 5.19 0.80 0.43
CA TRP A 44 6.01 1.75 -0.26
C TRP A 44 5.20 2.93 -0.63
N ASP A 45 3.98 2.67 -1.19
CA ASP A 45 3.07 3.73 -1.66
C ASP A 45 3.65 4.37 -2.90
N THR A 46 2.96 4.26 -3.96
CA THR A 46 3.39 4.80 -5.18
C THR A 46 2.28 5.63 -5.85
N ALA A 47 1.46 6.24 -5.01
CA ALA A 47 0.32 7.04 -5.51
C ALA A 47 -0.12 8.13 -4.54
N ASN A 48 0.07 7.90 -3.28
CA ASN A 48 -0.51 8.75 -2.27
C ASN A 48 0.49 9.77 -1.76
N ASN A 49 1.50 9.28 -1.10
CA ASN A 49 2.51 10.10 -0.49
C ASN A 49 3.91 9.38 -0.57
N PRO A 50 5.02 9.98 -0.01
CA PRO A 50 6.38 9.42 -0.18
C PRO A 50 6.58 8.10 0.57
N LEU A 51 6.00 8.02 1.73
CA LEU A 51 6.09 6.82 2.53
C LEU A 51 4.77 6.53 3.20
N PTR A 52 4.52 7.21 4.30
CA PTR A 52 3.28 7.15 5.03
C PTR A 52 3.30 8.03 6.25
O PTR A 52 3.70 7.62 7.33
CB PTR A 52 2.78 5.69 5.35
CG PTR A 52 3.73 4.77 6.12
CD1 PTR A 52 3.66 4.66 7.50
CD2 PTR A 52 4.67 3.98 5.46
CE1 PTR A 52 4.48 3.81 8.20
CE2 PTR A 52 5.50 3.13 6.14
CZ PTR A 52 5.41 3.04 7.52
OH PTR A 52 6.26 2.17 8.23
P PTR A 52 7.82 2.13 8.13
O1P PTR A 52 8.24 2.46 6.72
O2P PTR A 52 8.40 3.26 9.06
O3P PTR A 52 8.10 0.77 8.56
H PTR A 52 5.20 7.82 4.65
HA PTR A 52 2.56 7.61 4.36
HB2 PTR A 52 1.89 5.83 5.95
HB3 PTR A 52 2.48 5.22 4.42
HD1 PTR A 52 2.94 5.26 8.05
HD2 PTR A 52 4.74 4.06 4.38
HE1 PTR A 52 4.42 3.74 9.28
HE2 PTR A 52 6.23 2.54 5.60
N LYS A 53 2.95 9.27 6.06
CA LYS A 53 2.86 10.22 7.10
C LYS A 53 1.63 9.97 7.97
N GLU A 54 0.68 9.24 7.44
CA GLU A 54 -0.55 8.97 8.14
C GLU A 54 -0.76 7.46 8.35
N ALA A 55 -1.17 6.78 7.29
CA ALA A 55 -1.54 5.39 7.37
C ALA A 55 -1.61 4.79 6.00
N THR A 56 -1.07 3.63 5.86
CA THR A 56 -1.09 2.89 4.67
C THR A 56 -2.46 2.16 4.50
N SER A 57 -2.60 1.44 3.42
CA SER A 57 -3.82 0.71 3.15
C SER A 57 -3.61 -0.81 3.29
N THR A 58 -4.64 -1.51 3.73
CA THR A 58 -4.60 -2.95 3.85
C THR A 58 -6.05 -3.49 3.88
N PHE A 59 -6.21 -4.67 3.39
CA PHE A 59 -7.53 -5.30 3.24
C PHE A 59 -7.55 -6.69 3.91
N THR A 60 -6.49 -7.47 3.67
CA THR A 60 -6.38 -8.84 4.18
C THR A 60 -6.45 -8.87 5.72
N ASN A 61 -5.99 -7.82 6.32
CA ASN A 61 -6.12 -7.64 7.73
C ASN A 61 -6.58 -6.25 8.01
N ILE A 62 -7.01 -6.02 9.19
CA ILE A 62 -7.51 -4.73 9.58
C ILE A 62 -6.60 -4.13 10.63
N THR A 63 -5.73 -4.94 11.15
CA THR A 63 -4.86 -4.53 12.23
C THR A 63 -3.53 -3.95 11.72
N TYR A 64 -3.57 -3.35 10.57
CA TYR A 64 -2.39 -2.70 10.00
C TYR A 64 -1.97 -1.48 10.83
N ARG A 65 -2.50 -0.35 10.51
CA ARG A 65 -2.30 0.84 11.30
C ARG A 65 -3.42 0.95 12.30
N GLY A 66 -4.61 0.82 11.80
CA GLY A 66 -5.80 1.01 12.58
C GLY A 66 -6.56 2.14 12.04
N THR A 67 -6.92 2.02 10.81
CA THR A 67 -7.43 3.08 10.05
C THR A 67 -8.95 2.93 9.84
N LYS A 21 10.49 0.09 -11.31
CA LYS A 21 9.83 1.33 -10.96
C LYS A 21 9.97 1.65 -9.48
N LEU A 22 9.61 0.72 -8.64
CA LEU A 22 9.60 0.92 -7.26
C LEU A 22 10.41 -0.19 -6.58
N LEU A 23 9.82 -1.40 -6.49
CA LEU A 23 10.58 -2.60 -6.01
C LEU A 23 10.13 -3.87 -6.72
N ILE A 24 8.84 -4.13 -6.69
CA ILE A 24 8.33 -5.43 -7.15
C ILE A 24 7.78 -5.34 -8.57
N THR A 25 7.32 -4.15 -8.94
CA THR A 25 6.82 -3.85 -10.29
C THR A 25 5.41 -4.51 -10.56
N ILE A 26 4.70 -4.89 -9.50
CA ILE A 26 3.40 -5.56 -9.67
C ILE A 26 2.35 -5.09 -8.69
N HIS A 27 2.65 -5.19 -7.42
CA HIS A 27 1.67 -4.81 -6.41
C HIS A 27 1.91 -3.43 -5.99
N ASP A 28 3.04 -2.91 -6.40
CA ASP A 28 3.52 -1.57 -6.08
C ASP A 28 2.45 -0.53 -6.33
N ARG A 29 1.67 -0.72 -7.36
CA ARG A 29 0.58 0.15 -7.66
C ARG A 29 -0.75 -0.51 -7.38
N LYS A 30 -0.77 -1.79 -7.41
CA LYS A 30 -2.01 -2.50 -7.43
C LYS A 30 -2.63 -2.64 -6.06
N GLU A 31 -1.85 -2.38 -5.05
CA GLU A 31 -2.39 -2.35 -3.71
C GLU A 31 -3.13 -1.06 -3.45
N PHE A 32 -2.93 -0.10 -4.31
CA PHE A 32 -3.74 1.11 -4.31
C PHE A 32 -4.97 0.91 -5.18
N ALA A 33 -5.17 -0.29 -5.62
CA ALA A 33 -6.31 -0.61 -6.44
C ALA A 33 -7.34 -1.39 -5.66
N LYS A 34 -6.92 -2.50 -5.09
CA LYS A 34 -7.83 -3.32 -4.29
C LYS A 34 -7.62 -3.11 -2.83
N PHE A 35 -6.41 -2.70 -2.47
CA PHE A 35 -6.01 -2.45 -1.08
C PHE A 35 -6.14 -3.72 -0.27
N GLU A 36 -5.88 -4.82 -0.91
CA GLU A 36 -6.00 -6.12 -0.30
C GLU A 36 -4.70 -6.88 -0.34
N GLU A 37 -3.75 -6.34 -1.02
CA GLU A 37 -2.48 -6.99 -1.20
C GLU A 37 -1.37 -6.41 -0.29
N GLU A 38 -0.66 -5.35 -0.78
CA GLU A 38 0.42 -4.70 -0.02
C GLU A 38 1.55 -5.63 0.29
N ARG A 39 2.52 -5.59 -0.53
CA ARG A 39 3.73 -6.34 -0.28
C ARG A 39 4.59 -5.61 0.69
N ALA A 40 4.75 -4.34 0.46
CA ALA A 40 5.51 -3.51 1.33
C ALA A 40 4.60 -2.44 1.98
N ARG A 41 3.30 -2.55 1.66
CA ARG A 41 2.26 -1.70 2.23
C ARG A 41 2.46 -0.22 1.92
N ALA A 42 2.20 0.15 0.66
CA ALA A 42 2.30 1.56 0.18
C ALA A 42 3.69 2.13 0.34
N LYS A 43 4.61 1.27 0.65
CA LYS A 43 6.04 1.64 0.88
C LYS A 43 6.56 2.61 -0.16
N TRP A 44 6.48 2.20 -1.39
CA TRP A 44 6.94 3.00 -2.48
C TRP A 44 6.00 4.14 -2.74
N ASP A 45 4.74 3.78 -2.99
CA ASP A 45 3.69 4.73 -3.41
C ASP A 45 4.00 5.31 -4.78
N THR A 46 3.16 5.03 -5.70
CA THR A 46 3.37 5.39 -7.06
C THR A 46 3.35 6.90 -7.30
N ALA A 47 2.28 7.55 -6.86
CA ALA A 47 2.08 8.97 -7.19
C ALA A 47 0.97 9.55 -6.35
N ASN A 48 0.87 9.10 -5.18
CA ASN A 48 -0.22 9.47 -4.31
C ASN A 48 0.31 10.40 -3.24
N ASN A 49 1.46 10.05 -2.71
CA ASN A 49 2.18 10.85 -1.76
C ASN A 49 3.70 10.60 -1.96
N PRO A 50 4.61 11.38 -1.28
CA PRO A 50 6.05 11.27 -1.53
C PRO A 50 6.63 9.93 -1.06
N LEU A 51 6.38 9.62 0.17
CA LEU A 51 6.82 8.38 0.76
C LEU A 51 5.74 7.83 1.65
N PTR A 52 5.63 8.41 2.85
CA PTR A 52 4.57 8.16 3.81
C PTR A 52 4.91 8.77 5.17
O PTR A 52 5.62 8.18 5.97
CB PTR A 52 4.15 6.64 3.94
CG PTR A 52 5.25 5.63 4.36
CD1 PTR A 52 6.06 5.01 3.41
CD2 PTR A 52 5.42 5.27 5.69
CE1 PTR A 52 7.00 4.07 3.78
CE2 PTR A 52 6.36 4.35 6.07
CZ PTR A 52 7.15 3.74 5.12
OH PTR A 52 8.10 2.78 5.52
P PTR A 52 9.60 2.76 5.09
O1P PTR A 52 10.01 4.15 4.60
O2P PTR A 52 10.44 2.49 6.38
O3P PTR A 52 9.61 1.69 4.11
H PTR A 52 6.29 9.07 3.14
HA PTR A 52 3.73 8.71 3.44
HB2 PTR A 52 3.40 6.63 4.70
HB3 PTR A 52 3.72 6.31 3.01
HD1 PTR A 52 5.95 5.27 2.38
HD2 PTR A 52 4.79 5.74 6.44
HE1 PTR A 52 7.63 3.60 3.04
HE2 PTR A 52 6.48 4.09 7.12
N LYS A 53 4.45 9.97 5.38
CA LYS A 53 4.62 10.61 6.65
C LYS A 53 3.31 11.18 7.16
N GLU A 54 2.43 11.49 6.23
CA GLU A 54 1.13 11.97 6.55
C GLU A 54 0.17 10.81 6.74
N ALA A 55 0.35 9.78 5.92
CA ALA A 55 -0.45 8.62 5.96
C ALA A 55 0.16 7.55 5.09
N THR A 56 -0.15 6.36 5.36
CA THR A 56 0.31 5.24 4.58
C THR A 56 -0.90 4.41 4.18
N SER A 57 -0.79 3.63 3.12
CA SER A 57 -1.90 2.80 2.72
C SER A 57 -1.71 1.41 3.26
N THR A 58 -2.45 1.12 4.28
CA THR A 58 -2.37 -0.15 4.96
C THR A 58 -3.75 -0.54 5.47
N PHE A 59 -4.20 -1.69 5.09
CA PHE A 59 -5.51 -2.18 5.52
C PHE A 59 -5.39 -3.11 6.75
N THR A 60 -4.31 -3.87 6.79
CA THR A 60 -4.10 -4.97 7.79
C THR A 60 -4.39 -4.54 9.23
N ASN A 61 -4.05 -3.33 9.55
CA ASN A 61 -4.20 -2.77 10.89
C ASN A 61 -5.64 -2.79 11.38
N ILE A 62 -6.56 -2.65 10.48
CA ILE A 62 -7.98 -2.69 10.83
C ILE A 62 -8.79 -3.73 10.02
N THR A 63 -8.29 -4.11 8.86
CA THR A 63 -8.95 -5.11 8.01
C THR A 63 -8.32 -6.52 8.21
N TYR A 64 -7.73 -6.73 9.39
CA TYR A 64 -7.14 -8.03 9.76
C TYR A 64 -8.10 -9.19 9.51
N ARG A 65 -9.21 -9.16 10.16
CA ARG A 65 -10.22 -10.16 10.02
C ARG A 65 -11.52 -9.52 9.68
N GLY A 66 -11.98 -8.72 10.59
CA GLY A 66 -13.24 -8.06 10.46
C GLY A 66 -13.94 -8.12 11.74
N THR A 67 -13.27 -7.70 12.76
CA THR A 67 -13.66 -7.90 14.09
C THR A 67 -14.24 -6.59 14.68
#